data_7G79
#
_entry.id   7G79
#
_cell.length_a   84.245
_cell.length_b   91.757
_cell.length_c   119.644
_cell.angle_alpha   90.000
_cell.angle_beta   90.000
_cell.angle_gamma   90.000
#
_symmetry.space_group_name_H-M   'P 21 21 21'
#
loop_
_entity.id
_entity.type
_entity.pdbx_description
1 polymer 'Isoform 2 of Ectonucleotide pyrophosphatase/phosphodiesterase family member 2'
2 branched alpha-D-mannopyranose-(1-2)-alpha-D-mannopyranose-(1-3)-alpha-D-mannopyranose-(1-6)-[alpha-D-mannopyranose-(1-2)-alpha-D-mannopyranose-(1-3)]beta-D-mannopyranose-(1-4)-2-acetamido-2-deoxy-beta-D-glucopyranose-(1-4)-2-acetamido-2-deoxy-beta-D-glucopyranose
3 non-polymer 1-[(3aR,6aS)-5-{2-cyclopropyl-6-[(oxan-4-yl)methoxy]pyridine-4-carbonyl}hexahydropyrrolo[3,4-c]pyrrol-2(1H)-yl]-3-(1H-1,2,3-triazol-5-yl)propan-1-one
4 non-polymer 'ZINC ION'
5 non-polymer 'SODIUM ION'
6 non-polymer 'CALCIUM ION'
7 non-polymer 'POTASSIUM ION'
8 non-polymer 'CHLORIDE ION'
9 non-polymer 'ACETATE ION'
10 water water
#
_entity_poly.entity_id   1
_entity_poly.type   'polypeptide(L)'
_entity_poly.pdbx_seq_one_letter_code
;FTASRIKRAEWDEGPPTVLSDSPWTATSGSCKGRCFELQEVGPPDCRCDNLCKSYSSCCHDFDELCLKTARGWECTKDRC
GEVRNEENACHCSEDCLSRGDCCTNYQVVCKGESHWVDDDCEEIKVPECPAGFVRPPLIIFSVDGFRASYMKKGSKVMPN
IEKLRSCGTHAPYMRPVYPTKTFPNLYTLATGLYPESHGIVGNSMYDPVFDASFHLRGREKFNHRWWGGQPLWITATKQG
VRAGTFFWSVSIPHERRILTILQWLSLPDNERPSVYAFYSEQPDFSGHKYGPFGPEMTNPLREIDKTVGQLMDGLKQLRL
HRCVNVIFVGDHGMEDVTCDRTEFLSNYLTNVDDITLVPGTLGRIRAKSINNSKYDPKTIIAALTCKKPDQHFKPYMKQH
LPKRLHYANNRRIEDIHLLVDRRWHVARKPLDVYKKPSGKCFFQGDHGFDNKVNSMQTVFVGYGPTFKYRTKVPPFENIE
LYNVMCDLLGLKPAPNNGTHGSLNHLLRTNTFRPTMPDEVSRPNYPGIMYLQSEFDLGCTCDDKVEPKNKLEELNKRLHT
KGSTKERHLLYGRPAVLYRTSYDILYHTDFESGYSEIFLMPLWTSYTISKQAEVSSIPEHLTNCVRPDVRVSPGFSQNCL
AYKNDKQMSYGFLFPPYLSSSPEAKYDAFLVTNMVPMYPAFKRVWAYFQRVLVKKYASERNGVNVISGPIFDYNYDGLRD
TEDEIKQYVEGSSIPVPTHYYSIITSCLDFTQPADKCDGPLSVSSFILPHRPDNDESCNSSEDESKWVEELMKMHTARVR
DIEHLTGLDFYRKTSRSYSEILTLKTYLHTYESEIGGRHHHHHHHH
;
_entity_poly.pdbx_strand_id   A
#
loop_
_chem_comp.id
_chem_comp.type
_chem_comp.name
_chem_comp.formula
ACT non-polymer 'ACETATE ION' 'C2 H3 O2 -1'
BMA D-saccharide, beta linking beta-D-mannopyranose 'C6 H12 O6'
CA non-polymer 'CALCIUM ION' 'Ca 2'
CL non-polymer 'CHLORIDE ION' 'Cl -1'
K non-polymer 'POTASSIUM ION' 'K 1'
MAN D-saccharide, alpha linking alpha-D-mannopyranose 'C6 H12 O6'
NA non-polymer 'SODIUM ION' 'Na 1'
NAG D-saccharide, beta linking 2-acetamido-2-deoxy-beta-D-glucopyranose 'C8 H15 N O6'
YB1 non-polymer 1-[(3aR,6aS)-5-{2-cyclopropyl-6-[(oxan-4-yl)methoxy]pyridine-4-carbonyl}hexahydropyrrolo[3,4-c]pyrrol-2(1H)-yl]-3-(1H-1,2,3-triazol-5-yl)propan-1-one 'C26 H34 N6 O4'
ZN non-polymer 'ZINC ION' 'Zn 2'
#
# COMPACT_ATOMS: atom_id res chain seq x y z
N TRP A 24 -31.16 11.82 -23.30
CA TRP A 24 -32.61 12.08 -23.06
C TRP A 24 -33.22 11.06 -22.10
N THR A 25 -33.94 11.57 -21.10
CA THR A 25 -34.74 10.74 -20.18
C THR A 25 -36.23 11.09 -20.31
N ALA A 26 -37.05 10.07 -20.52
CA ALA A 26 -38.50 10.20 -20.52
C ALA A 26 -39.01 10.22 -19.08
N THR A 27 -38.83 11.36 -18.41
CA THR A 27 -39.03 11.46 -16.94
C THR A 27 -40.51 11.32 -16.48
N SER A 28 -41.39 10.97 -17.42
CA SER A 28 -42.85 10.87 -17.20
C SER A 28 -43.36 9.55 -16.61
N GLY A 29 -42.51 8.51 -16.57
CA GLY A 29 -42.81 7.31 -15.79
C GLY A 29 -42.89 7.61 -14.29
N SER A 30 -43.08 6.56 -13.49
CA SER A 30 -43.31 6.70 -12.05
C SER A 30 -42.49 5.75 -11.16
N CYS A 31 -42.09 6.25 -9.99
CA CYS A 31 -41.36 5.47 -9.01
C CYS A 31 -42.25 4.71 -8.07
N LYS A 32 -43.56 4.74 -8.31
CA LYS A 32 -44.51 4.02 -7.44
C LYS A 32 -44.09 2.54 -7.35
N GLY A 33 -44.02 2.04 -6.12
CA GLY A 33 -43.34 0.77 -5.78
C GLY A 33 -41.91 0.48 -6.32
N ARG A 34 -41.15 1.47 -6.77
CA ARG A 34 -39.81 1.22 -7.35
C ARG A 34 -38.72 1.93 -6.54
N CYS A 35 -39.07 2.44 -5.37
CA CYS A 35 -38.19 3.43 -4.70
C CYS A 35 -36.88 2.73 -4.31
N PHE A 36 -35.74 3.22 -4.77
CA PHE A 36 -34.44 2.61 -4.47
C PHE A 36 -34.36 1.18 -4.97
N GLU A 37 -34.93 0.98 -6.17
CA GLU A 37 -34.90 -0.29 -6.87
C GLU A 37 -33.43 -0.67 -7.12
N LEU A 38 -33.16 -1.97 -7.10
CA LEU A 38 -31.78 -2.45 -7.16
C LEU A 38 -31.16 -2.54 -8.56
N GLN A 39 -31.95 -2.93 -9.55
CA GLN A 39 -31.46 -3.03 -10.92
C GLN A 39 -31.74 -1.70 -11.59
N GLU A 40 -30.72 -1.10 -12.15
CA GLU A 40 -30.88 0.21 -12.77
C GLU A 40 -31.44 0.02 -14.19
N VAL A 41 -32.46 0.80 -14.53
CA VAL A 41 -33.02 0.77 -15.89
C VAL A 41 -32.28 1.71 -16.85
N GLY A 42 -32.18 1.28 -18.11
CA GLY A 42 -31.43 2.01 -19.14
C GLY A 42 -32.31 3.03 -19.83
N PRO A 43 -31.72 4.21 -20.18
CA PRO A 43 -32.43 5.26 -20.93
C PRO A 43 -33.26 4.73 -22.15
N PRO A 44 -34.32 5.46 -22.54
CA PRO A 44 -34.72 6.73 -21.93
C PRO A 44 -35.72 6.56 -20.77
N ASP A 45 -36.02 5.31 -20.40
CA ASP A 45 -36.90 5.01 -19.24
C ASP A 45 -36.34 5.72 -18.00
N CYS A 46 -37.24 6.20 -17.14
CA CYS A 46 -36.80 7.00 -16.00
C CYS A 46 -36.40 6.12 -14.81
N ARG A 47 -35.43 6.62 -14.05
CA ARG A 47 -34.81 5.84 -12.99
C ARG A 47 -35.34 6.19 -11.59
N CYS A 48 -35.30 5.20 -10.69
CA CYS A 48 -35.72 5.35 -9.29
C CYS A 48 -34.67 4.79 -8.30
N ASP A 49 -33.45 4.54 -8.79
CA ASP A 49 -32.35 3.94 -7.98
C ASP A 49 -31.61 5.05 -7.23
N ASN A 50 -30.68 4.67 -6.33
CA ASN A 50 -30.05 5.69 -5.48
C ASN A 50 -29.10 6.64 -6.22
N LEU A 51 -28.84 6.38 -7.50
CA LEU A 51 -27.99 7.22 -8.34
C LEU A 51 -28.70 8.10 -9.37
N CYS A 52 -30.01 7.93 -9.51
CA CYS A 52 -30.75 8.67 -10.55
C CYS A 52 -30.51 10.20 -10.52
N LYS A 53 -30.46 10.81 -9.34
CA LYS A 53 -30.20 12.27 -9.22
C LYS A 53 -28.94 12.70 -9.96
N SER A 54 -27.87 11.92 -9.76
CA SER A 54 -26.55 12.18 -10.34
C SER A 54 -26.52 12.18 -11.86
N TYR A 55 -27.54 11.56 -12.45
CA TYR A 55 -27.69 11.45 -13.89
C TYR A 55 -28.80 12.33 -14.48
N SER A 56 -29.39 13.20 -13.64
CA SER A 56 -30.64 13.93 -14.01
C SER A 56 -31.69 13.01 -14.63
N SER A 57 -31.89 11.83 -14.05
CA SER A 57 -32.73 10.86 -14.70
C SER A 57 -33.87 10.28 -13.85
N CYS A 58 -34.09 10.84 -12.66
CA CYS A 58 -35.16 10.34 -11.78
C CYS A 58 -36.51 10.59 -12.42
N CYS A 59 -37.46 9.68 -12.19
CA CYS A 59 -38.87 9.92 -12.57
C CYS A 59 -39.39 11.17 -11.87
N HIS A 60 -40.41 11.79 -12.49
CA HIS A 60 -41.00 13.03 -11.99
C HIS A 60 -41.33 13.00 -10.51
N ASP A 61 -41.74 11.83 -9.98
CA ASP A 61 -42.27 11.71 -8.61
C ASP A 61 -41.28 11.06 -7.62
N PHE A 62 -40.02 10.97 -8.01
CA PHE A 62 -39.00 10.39 -7.09
C PHE A 62 -38.90 11.14 -5.75
N ASP A 63 -38.85 12.47 -5.75
CA ASP A 63 -38.78 13.17 -4.45
C ASP A 63 -39.98 12.92 -3.58
N GLU A 64 -41.17 12.99 -4.18
CA GLU A 64 -42.41 12.82 -3.44
C GLU A 64 -42.52 11.42 -2.79
N LEU A 65 -42.25 10.41 -3.61
CA LEU A 65 -42.41 9.02 -3.18
C LEU A 65 -41.21 8.50 -2.39
N CYS A 66 -40.01 8.83 -2.83
CA CYS A 66 -38.82 8.14 -2.35
C CYS A 66 -38.00 8.91 -1.35
N LEU A 67 -38.18 10.23 -1.30
CA LEU A 67 -37.40 11.04 -0.37
C LEU A 67 -38.31 11.77 0.63
N LYS A 68 -39.20 11.01 1.25
CA LYS A 68 -40.11 11.58 2.24
C LYS A 68 -39.34 12.08 3.43
N THR A 69 -39.81 13.18 3.97
CA THR A 69 -39.13 13.83 5.10
C THR A 69 -40.12 14.17 6.21
N ALA A 70 -41.43 14.01 5.95
CA ALA A 70 -42.40 14.46 6.94
C ALA A 70 -42.16 13.86 8.31
N ARG A 71 -42.12 14.75 9.31
CA ARG A 71 -42.10 14.41 10.73
C ARG A 71 -40.70 13.95 11.17
N GLY A 72 -39.74 14.03 10.26
CA GLY A 72 -38.33 13.79 10.61
C GLY A 72 -37.98 12.32 10.79
N TRP A 73 -36.94 12.05 11.58
CA TRP A 73 -36.26 10.74 11.55
C TRP A 73 -36.42 9.94 12.82
N GLU A 74 -37.09 10.51 13.82
CA GLU A 74 -37.17 9.85 15.11
C GLU A 74 -38.61 9.72 15.61
N CYS A 75 -38.92 8.57 16.21
CA CYS A 75 -40.19 8.37 16.88
C CYS A 75 -40.17 9.21 18.14
N THR A 76 -41.36 9.68 18.57
CA THR A 76 -41.53 10.32 19.87
C THR A 76 -42.66 9.58 20.57
N LYS A 77 -42.75 9.70 21.90
CA LYS A 77 -43.80 9.03 22.70
C LYS A 77 -45.18 9.05 22.05
N ASP A 78 -45.63 10.23 21.63
CA ASP A 78 -46.98 10.41 21.05
C ASP A 78 -47.23 9.77 19.66
N ARG A 79 -46.17 9.35 18.97
CA ARG A 79 -46.34 8.66 17.69
C ARG A 79 -46.49 7.16 17.86
N CYS A 80 -46.14 6.65 19.04
CA CYS A 80 -46.18 5.20 19.30
C CYS A 80 -47.56 4.63 19.02
N GLY A 81 -47.60 3.56 18.22
CA GLY A 81 -48.86 2.93 17.81
C GLY A 81 -49.75 3.76 16.88
N GLU A 82 -49.25 4.90 16.38
CA GLU A 82 -49.95 5.74 15.42
C GLU A 82 -50.59 4.94 14.27
N VAL A 83 -51.60 5.54 13.63
CA VAL A 83 -52.15 4.98 12.40
C VAL A 83 -51.18 5.31 11.26
N ARG A 84 -50.73 4.27 10.56
CA ARG A 84 -49.77 4.44 9.47
C ARG A 84 -50.17 5.58 8.53
N ASN A 85 -49.41 6.67 8.56
CA ASN A 85 -49.50 7.72 7.56
C ASN A 85 -48.35 7.55 6.56
N GLU A 86 -48.65 7.07 5.36
CA GLU A 86 -47.62 6.77 4.36
C GLU A 86 -46.76 7.96 3.94
N GLU A 87 -47.18 9.19 4.23
CA GLU A 87 -46.36 10.38 3.92
C GLU A 87 -45.13 10.59 4.81
N ASN A 88 -45.09 9.90 5.95
CA ASN A 88 -44.04 10.13 6.94
C ASN A 88 -42.70 9.54 6.50
N ALA A 89 -41.61 10.14 6.96
CA ALA A 89 -40.26 9.70 6.53
C ALA A 89 -40.03 8.29 7.03
N CYS A 90 -40.45 8.04 8.25
CA CYS A 90 -40.34 6.68 8.80
C CYS A 90 -41.50 6.52 9.76
N HIS A 91 -41.72 5.31 10.28
CA HIS A 91 -43.00 5.03 10.92
C HIS A 91 -42.87 4.57 12.34
N CYS A 92 -43.95 4.76 13.10
CA CYS A 92 -43.95 4.37 14.51
C CYS A 92 -45.25 3.62 14.82
N SER A 93 -45.90 3.14 13.76
CA SER A 93 -47.14 2.37 13.84
C SER A 93 -46.80 0.92 14.14
N GLU A 94 -47.79 0.14 14.54
CA GLU A 94 -47.58 -1.25 14.93
C GLU A 94 -47.07 -2.12 13.80
N ASP A 95 -47.48 -1.81 12.57
CA ASP A 95 -47.11 -2.63 11.44
C ASP A 95 -45.70 -2.33 10.94
N CYS A 96 -45.03 -1.34 11.52
CA CYS A 96 -43.74 -0.89 10.94
C CYS A 96 -42.66 -1.98 10.94
N LEU A 97 -42.54 -2.77 12.00
CA LEU A 97 -41.57 -3.89 11.98
C LEU A 97 -41.80 -4.88 10.82
N SER A 98 -43.04 -5.36 10.61
CA SER A 98 -43.32 -6.24 9.47
C SER A 98 -43.15 -5.53 8.12
N ARG A 99 -43.47 -4.24 8.05
CA ARG A 99 -43.21 -3.44 6.85
C ARG A 99 -41.70 -3.13 6.66
N GLY A 100 -40.90 -3.25 7.71
CA GLY A 100 -39.45 -2.94 7.66
C GLY A 100 -39.07 -1.45 7.52
N ASP A 101 -39.94 -0.56 7.96
CA ASP A 101 -39.75 0.87 7.78
C ASP A 101 -40.03 1.69 9.06
N CYS A 102 -39.82 1.10 10.25
CA CYS A 102 -39.84 1.90 11.49
C CYS A 102 -38.66 2.90 11.49
N CYS A 103 -38.86 4.06 12.13
CA CYS A 103 -37.72 4.90 12.53
C CYS A 103 -36.77 4.05 13.35
N THR A 104 -35.49 4.36 13.25
CA THR A 104 -34.51 3.45 13.81
C THR A 104 -34.61 3.40 15.31
N ASN A 105 -35.18 4.43 15.93
CA ASN A 105 -35.32 4.42 17.39
C ASN A 105 -36.70 3.94 17.90
N TYR A 106 -37.53 3.39 17.01
CA TYR A 106 -38.86 2.90 17.38
C TYR A 106 -38.97 2.03 18.62
N GLN A 107 -38.16 0.97 18.71
CA GLN A 107 -38.26 0.03 19.81
C GLN A 107 -37.81 0.64 21.11
N VAL A 108 -36.90 1.61 21.00
CA VAL A 108 -36.41 2.32 22.17
C VAL A 108 -37.52 3.21 22.74
N VAL A 109 -38.11 4.05 21.90
CA VAL A 109 -39.12 5.00 22.36
C VAL A 109 -40.43 4.31 22.78
N CYS A 110 -40.86 3.33 22.00
CA CYS A 110 -42.20 2.79 22.06
C CYS A 110 -42.27 1.44 22.74
N LYS A 111 -41.19 0.68 22.71
CA LYS A 111 -41.22 -0.65 23.28
C LYS A 111 -40.24 -0.83 24.44
N GLY A 112 -39.78 0.27 25.03
CA GLY A 112 -38.90 0.19 26.20
C GLY A 112 -37.54 -0.47 25.99
N GLU A 113 -37.11 -0.60 24.73
CA GLU A 113 -35.78 -1.20 24.43
C GLU A 113 -34.63 -0.22 24.71
N SER A 114 -33.41 -0.72 24.90
CA SER A 114 -32.20 0.15 24.98
C SER A 114 -31.56 0.40 23.60
N HIS A 115 -30.85 1.53 23.47
CA HIS A 115 -30.08 1.78 22.23
C HIS A 115 -28.96 0.78 22.25
N TRP A 116 -28.53 0.34 21.07
CA TRP A 116 -27.41 -0.57 20.94
C TRP A 116 -26.18 -0.15 21.73
N VAL A 117 -25.85 1.15 21.71
CA VAL A 117 -24.60 1.64 22.35
C VAL A 117 -24.62 1.47 23.87
N ASP A 118 -25.82 1.40 24.44
CA ASP A 118 -25.95 1.25 25.89
C ASP A 118 -25.86 -0.19 26.39
N ASP A 119 -25.91 -1.16 25.48
CA ASP A 119 -25.83 -2.56 25.85
C ASP A 119 -24.37 -2.92 26.07
N ASP A 120 -24.12 -3.77 27.05
CA ASP A 120 -22.81 -4.37 27.28
C ASP A 120 -22.31 -5.06 25.99
N CYS A 121 -21.02 -4.99 25.76
CA CYS A 121 -20.33 -5.76 24.74
C CYS A 121 -20.46 -7.25 25.11
N GLU A 122 -20.99 -8.09 24.22
CA GLU A 122 -21.06 -9.54 24.47
C GLU A 122 -20.44 -10.16 23.25
N GLU A 123 -19.48 -11.06 23.44
CA GLU A 123 -18.82 -11.76 22.33
C GLU A 123 -19.83 -12.39 21.39
N ILE A 124 -19.61 -12.28 20.08
CA ILE A 124 -20.45 -12.93 19.10
C ILE A 124 -19.70 -14.16 18.58
N LYS A 125 -19.92 -15.30 19.22
CA LYS A 125 -19.14 -16.50 18.87
C LYS A 125 -19.65 -17.15 17.58
N VAL A 126 -20.95 -17.08 17.35
CA VAL A 126 -21.55 -17.60 16.12
C VAL A 126 -22.55 -16.57 15.52
N PRO A 127 -22.76 -16.58 14.20
CA PRO A 127 -23.79 -15.66 13.69
C PRO A 127 -25.14 -16.02 14.28
N GLU A 128 -25.87 -15.01 14.76
CA GLU A 128 -27.23 -15.25 15.28
C GLU A 128 -28.16 -14.54 14.32
N CYS A 129 -28.65 -15.26 13.32
CA CYS A 129 -29.31 -14.65 12.18
C CYS A 129 -30.77 -15.15 12.08
N PRO A 130 -31.70 -14.28 11.59
CA PRO A 130 -33.08 -14.76 11.28
C PRO A 130 -33.13 -15.93 10.30
N ALA A 131 -34.20 -16.70 10.36
CA ALA A 131 -34.36 -17.83 9.46
C ALA A 131 -34.34 -17.30 8.04
N GLY A 132 -33.68 -18.03 7.16
CA GLY A 132 -33.63 -17.61 5.76
C GLY A 132 -32.39 -16.82 5.38
N PHE A 133 -31.62 -16.36 6.37
CA PHE A 133 -30.26 -15.82 6.09
C PHE A 133 -29.22 -16.93 5.76
N VAL A 134 -28.70 -16.97 4.52
CA VAL A 134 -27.72 -18.00 4.06
C VAL A 134 -26.29 -17.73 4.56
N ARG A 135 -25.99 -16.45 4.86
CA ARG A 135 -24.66 -16.02 5.29
C ARG A 135 -24.86 -14.69 6.05
N PRO A 136 -23.94 -14.35 6.94
CA PRO A 136 -23.94 -13.01 7.57
C PRO A 136 -23.76 -11.91 6.49
N PRO A 137 -24.69 -10.97 6.41
CA PRO A 137 -24.50 -9.84 5.49
C PRO A 137 -23.27 -9.01 5.91
N LEU A 138 -22.70 -8.29 4.95
CA LEU A 138 -21.58 -7.38 5.16
C LEU A 138 -22.07 -5.96 4.89
N ILE A 139 -21.83 -5.08 5.85
CA ILE A 139 -22.13 -3.67 5.67
C ILE A 139 -20.83 -2.89 5.80
N ILE A 140 -20.51 -2.15 4.74
CA ILE A 140 -19.25 -1.37 4.74
C ILE A 140 -19.63 0.10 4.89
N PHE A 141 -19.19 0.72 5.98
CA PHE A 141 -19.58 2.08 6.31
C PHE A 141 -18.28 2.90 6.07
N SER A 142 -18.17 3.63 4.97
CA SER A 142 -16.93 4.30 4.70
C SER A 142 -17.07 5.81 5.00
N VAL A 143 -16.02 6.37 5.60
CA VAL A 143 -16.03 7.77 6.02
C VAL A 143 -14.89 8.50 5.31
N ASP A 144 -15.23 9.53 4.54
CA ASP A 144 -14.27 10.34 3.81
C ASP A 144 -13.44 11.24 4.78
N GLY A 145 -12.12 11.21 4.65
CA GLY A 145 -11.23 12.08 5.41
C GLY A 145 -11.15 11.78 6.91
N PHE A 146 -11.52 10.58 7.32
CA PHE A 146 -11.49 10.20 8.73
C PHE A 146 -10.05 9.82 9.14
N ARG A 147 -9.32 10.81 9.60
CA ARG A 147 -7.99 10.64 10.13
C ARG A 147 -7.86 9.65 11.29
N ALA A 148 -6.83 8.80 11.26
CA ALA A 148 -6.70 7.76 12.25
C ALA A 148 -6.77 8.28 13.67
N SER A 149 -6.19 9.44 13.96
CA SER A 149 -6.13 9.83 15.36
C SER A 149 -7.46 10.39 15.86
N TYR A 150 -8.45 10.54 14.95
CA TYR A 150 -9.80 10.88 15.42
C TYR A 150 -10.28 9.81 16.41
N MET A 151 -9.82 8.56 16.26
CA MET A 151 -10.37 7.49 17.12
C MET A 151 -10.05 7.77 18.57
N LYS A 152 -8.84 8.29 18.85
CA LYS A 152 -8.55 8.66 20.24
C LYS A 152 -9.02 10.08 20.58
N LYS A 153 -8.76 11.04 19.68
CA LYS A 153 -8.95 12.44 20.00
C LYS A 153 -10.44 12.83 20.01
N GLY A 154 -11.26 12.10 19.27
CA GLY A 154 -12.70 12.38 19.28
C GLY A 154 -13.47 11.34 20.08
N SER A 155 -12.78 10.50 20.82
CA SER A 155 -13.47 9.35 21.51
C SER A 155 -14.66 9.73 22.38
N LYS A 156 -14.56 10.90 23.03
CA LYS A 156 -15.62 11.43 23.90
C LYS A 156 -16.94 11.71 23.20
N VAL A 157 -16.90 12.02 21.91
CA VAL A 157 -18.10 12.42 21.23
C VAL A 157 -18.59 11.33 20.23
N MET A 158 -17.93 10.16 20.22
CA MET A 158 -18.27 9.06 19.28
C MET A 158 -18.53 7.72 19.98
N PRO A 159 -19.53 7.69 20.88
CA PRO A 159 -19.70 6.44 21.66
C PRO A 159 -20.05 5.19 20.85
N ASN A 160 -20.84 5.32 19.77
CA ASN A 160 -21.21 4.14 18.94
C ASN A 160 -19.95 3.60 18.22
N ILE A 161 -19.18 4.52 17.64
CA ILE A 161 -17.95 4.10 16.95
C ILE A 161 -16.94 3.51 17.96
N GLU A 162 -16.86 4.10 19.17
CA GLU A 162 -15.92 3.62 20.17
CA GLU A 162 -15.93 3.61 20.20
C GLU A 162 -16.31 2.23 20.67
N LYS A 163 -17.61 1.96 20.73
CA LYS A 163 -18.07 0.60 21.05
C LYS A 163 -17.74 -0.40 19.93
N LEU A 164 -17.95 -0.05 18.67
CA LEU A 164 -17.52 -0.96 17.57
C LEU A 164 -16.03 -1.24 17.72
N ARG A 165 -15.28 -0.16 17.95
CA ARG A 165 -13.83 -0.28 18.00
C ARG A 165 -13.32 -1.16 19.12
N SER A 166 -13.82 -0.94 20.33
CA SER A 166 -13.36 -1.66 21.52
C SER A 166 -13.90 -3.10 21.58
N CYS A 167 -15.09 -3.32 21.07
CA CYS A 167 -15.72 -4.64 21.11
CA CYS A 167 -15.76 -4.63 21.11
C CYS A 167 -15.31 -5.54 19.96
N GLY A 168 -15.01 -4.94 18.81
CA GLY A 168 -14.64 -5.67 17.64
C GLY A 168 -13.15 -5.85 17.46
N THR A 169 -12.71 -5.81 16.19
CA THR A 169 -11.32 -5.91 15.81
C THR A 169 -10.91 -4.55 15.23
N HIS A 170 -9.84 -3.96 15.73
CA HIS A 170 -9.46 -2.67 15.14
C HIS A 170 -7.93 -2.58 14.94
N ALA A 171 -7.49 -1.77 13.98
CA ALA A 171 -6.07 -1.44 13.85
C ALA A 171 -5.87 -0.03 14.42
N PRO A 172 -4.65 0.29 14.91
CA PRO A 172 -4.38 1.67 15.40
C PRO A 172 -4.49 2.65 14.22
N TYR A 173 -4.20 2.17 13.00
CA TYR A 173 -4.47 2.93 11.77
C TYR A 173 -4.34 2.02 10.59
N MET A 174 -4.86 2.50 9.46
CA MET A 174 -4.78 1.75 8.22
C MET A 174 -4.10 2.67 7.23
N ARG A 175 -3.14 2.13 6.49
CA ARG A 175 -2.41 2.93 5.50
C ARG A 175 -3.17 3.02 4.19
N PRO A 176 -3.43 4.27 3.69
CA PRO A 176 -4.07 4.42 2.39
C PRO A 176 -3.07 4.17 1.27
N VAL A 177 -3.51 4.24 0.01
CA VAL A 177 -2.56 4.20 -1.12
C VAL A 177 -2.23 5.64 -1.55
N TYR A 178 -1.13 5.79 -2.28
CA TYR A 178 -0.77 7.04 -2.91
C TYR A 178 -1.37 7.20 -4.31
N PRO A 179 -1.86 8.40 -4.66
CA PRO A 179 -2.00 9.56 -3.81
C PRO A 179 -3.16 9.41 -2.85
N THR A 180 -3.04 10.06 -1.69
CA THR A 180 -4.03 9.88 -0.66
C THR A 180 -5.22 10.82 -0.94
N LYS A 181 -5.84 10.57 -2.10
CA LYS A 181 -7.00 11.26 -2.61
C LYS A 181 -8.20 10.29 -2.57
N THR A 182 -9.39 10.85 -2.69
CA THR A 182 -10.65 10.17 -2.49
C THR A 182 -10.92 9.01 -3.45
N PHE A 183 -10.98 9.31 -4.75
CA PHE A 183 -11.34 8.29 -5.70
C PHE A 183 -10.26 7.17 -5.82
N PRO A 184 -8.97 7.52 -5.83
CA PRO A 184 -7.96 6.43 -5.88
C PRO A 184 -8.14 5.50 -4.67
N ASN A 185 -8.35 6.05 -3.48
CA ASN A 185 -8.50 5.18 -2.29
C ASN A 185 -9.81 4.41 -2.22
N LEU A 186 -10.91 5.05 -2.53
CA LEU A 186 -12.19 4.32 -2.55
C LEU A 186 -12.14 3.20 -3.58
N TYR A 187 -11.57 3.44 -4.76
CA TYR A 187 -11.48 2.37 -5.71
C TYR A 187 -10.45 1.30 -5.37
N THR A 188 -9.37 1.65 -4.66
CA THR A 188 -8.46 0.60 -4.12
C THR A 188 -9.19 -0.25 -3.06
N LEU A 189 -9.99 0.41 -2.21
CA LEU A 189 -10.81 -0.35 -1.26
C LEU A 189 -11.71 -1.33 -2.02
N ALA A 190 -12.27 -0.91 -3.15
CA ALA A 190 -13.21 -1.73 -3.92
C ALA A 190 -12.57 -2.91 -4.68
N THR A 191 -11.28 -2.82 -5.00
CA THR A 191 -10.66 -3.73 -5.98
C THR A 191 -9.43 -4.50 -5.47
N GLY A 192 -8.86 -4.06 -4.35
CA GLY A 192 -7.58 -4.59 -3.88
C GLY A 192 -6.41 -4.19 -4.78
N LEU A 193 -6.60 -3.22 -5.69
CA LEU A 193 -5.51 -2.88 -6.63
C LEU A 193 -4.82 -1.54 -6.33
N TYR A 194 -3.52 -1.45 -6.58
CA TYR A 194 -2.87 -0.10 -6.64
C TYR A 194 -3.57 0.79 -7.72
N PRO A 195 -3.62 2.09 -7.49
CA PRO A 195 -4.12 3.00 -8.53
C PRO A 195 -3.47 2.85 -9.91
N GLU A 196 -2.16 2.56 -9.99
CA GLU A 196 -1.58 2.36 -11.34
C GLU A 196 -2.22 1.21 -12.08
N SER A 197 -2.74 0.21 -11.34
CA SER A 197 -3.41 -0.94 -11.96
C SER A 197 -4.91 -0.73 -12.19
N HIS A 198 -5.63 -0.15 -11.24
CA HIS A 198 -7.08 0.10 -11.43
C HIS A 198 -7.38 1.32 -12.35
N GLY A 199 -6.43 2.20 -12.45
CA GLY A 199 -6.52 3.28 -13.44
C GLY A 199 -6.96 4.61 -12.83
N ILE A 200 -7.47 4.60 -11.61
CA ILE A 200 -7.87 5.85 -11.03
C ILE A 200 -6.68 6.45 -10.23
N VAL A 201 -5.83 7.22 -10.90
CA VAL A 201 -4.47 7.53 -10.43
C VAL A 201 -4.52 8.91 -9.80
N GLY A 202 -5.66 9.56 -9.87
CA GLY A 202 -5.84 10.85 -9.19
C GLY A 202 -7.31 11.20 -9.10
N ASN A 203 -7.63 12.29 -8.43
CA ASN A 203 -9.00 12.82 -8.53
C ASN A 203 -9.20 13.56 -9.87
N SER A 204 -8.08 13.97 -10.50
CA SER A 204 -8.10 14.58 -11.85
C SER A 204 -7.13 13.82 -12.78
N MET A 205 -7.54 13.47 -14.00
CA MET A 205 -6.66 12.70 -14.92
C MET A 205 -6.85 13.04 -16.40
N TYR A 206 -5.77 12.90 -17.17
CA TYR A 206 -5.86 13.00 -18.64
C TYR A 206 -5.41 11.69 -19.18
N ASP A 207 -6.20 11.06 -20.06
CA ASP A 207 -5.75 9.81 -20.67
C ASP A 207 -5.45 10.10 -22.17
N PRO A 208 -4.17 10.08 -22.53
CA PRO A 208 -3.76 10.43 -23.90
C PRO A 208 -4.25 9.46 -24.99
N VAL A 209 -4.59 8.21 -24.65
CA VAL A 209 -5.10 7.25 -25.64
C VAL A 209 -6.54 7.60 -26.02
N PHE A 210 -7.35 7.86 -24.99
CA PHE A 210 -8.74 8.25 -25.15
C PHE A 210 -8.81 9.70 -25.60
N ASP A 211 -7.74 10.47 -25.36
CA ASP A 211 -7.78 11.94 -25.38
C ASP A 211 -9.00 12.43 -24.60
N ALA A 212 -9.03 12.09 -23.32
CA ALA A 212 -10.19 12.45 -22.52
C ALA A 212 -9.74 12.79 -21.13
N SER A 213 -10.50 13.64 -20.45
CA SER A 213 -10.15 14.07 -19.10
C SER A 213 -11.18 13.61 -18.07
N PHE A 214 -10.70 13.18 -16.90
CA PHE A 214 -11.54 12.70 -15.80
C PHE A 214 -11.48 13.82 -14.78
N HIS A 215 -12.63 14.25 -14.29
CA HIS A 215 -12.69 15.31 -13.27
C HIS A 215 -13.72 14.97 -12.18
N LEU A 216 -13.54 15.57 -11.01
CA LEU A 216 -14.49 15.45 -9.90
C LEU A 216 -15.92 15.83 -10.34
N ARG A 217 -16.06 17.03 -10.91
CA ARG A 217 -17.33 17.51 -11.45
C ARG A 217 -17.51 17.01 -12.86
N GLY A 218 -18.69 16.46 -13.18
CA GLY A 218 -19.01 16.24 -14.56
C GLY A 218 -19.29 14.80 -14.94
N ARG A 219 -19.54 14.62 -16.23
CA ARG A 219 -20.05 13.35 -16.74
C ARG A 219 -18.95 12.33 -17.15
N GLU A 220 -17.75 12.80 -17.51
CA GLU A 220 -16.68 11.90 -18.01
C GLU A 220 -16.38 10.74 -17.01
N LYS A 221 -16.23 11.09 -15.73
CA LYS A 221 -15.99 10.10 -14.65
C LYS A 221 -16.99 8.91 -14.58
N PHE A 222 -18.19 9.05 -15.14
CA PHE A 222 -19.15 7.95 -15.16
C PHE A 222 -18.87 6.91 -16.25
N ASN A 223 -18.04 7.26 -17.22
CA ASN A 223 -17.76 6.35 -18.33
C ASN A 223 -16.90 5.17 -17.83
N HIS A 224 -17.31 3.94 -18.14
CA HIS A 224 -16.69 2.74 -17.59
C HIS A 224 -15.24 2.50 -18.00
N ARG A 225 -14.79 3.13 -19.08
CA ARG A 225 -13.40 2.95 -19.53
C ARG A 225 -12.32 3.47 -18.55
N TRP A 226 -12.72 4.33 -17.61
CA TRP A 226 -11.74 4.79 -16.61
C TRP A 226 -11.43 3.70 -15.57
N TRP A 227 -12.40 2.85 -15.30
CA TRP A 227 -12.42 2.05 -14.09
C TRP A 227 -12.00 0.63 -14.38
N GLY A 228 -10.76 0.28 -14.00
CA GLY A 228 -10.22 -1.04 -14.32
C GLY A 228 -10.40 -2.01 -13.16
N GLY A 229 -9.84 -3.18 -13.32
CA GLY A 229 -9.95 -4.22 -12.28
C GLY A 229 -11.37 -4.73 -12.16
N GLN A 230 -11.70 -5.36 -11.02
CA GLN A 230 -13.02 -5.88 -10.78
C GLN A 230 -13.43 -5.54 -9.37
N PRO A 231 -14.30 -4.54 -9.22
CA PRO A 231 -14.68 -4.14 -7.84
C PRO A 231 -15.62 -5.12 -7.15
N LEU A 232 -15.66 -5.02 -5.83
CA LEU A 232 -16.38 -6.00 -5.00
C LEU A 232 -17.83 -6.29 -5.43
N TRP A 233 -18.59 -5.24 -5.78
CA TRP A 233 -19.98 -5.46 -6.17
C TRP A 233 -20.07 -6.31 -7.45
N ILE A 234 -19.11 -6.18 -8.37
CA ILE A 234 -19.10 -7.00 -9.62
C ILE A 234 -18.62 -8.42 -9.28
N THR A 235 -17.59 -8.53 -8.44
CA THR A 235 -17.16 -9.87 -7.97
C THR A 235 -18.30 -10.67 -7.32
N ALA A 236 -19.09 -9.99 -6.49
CA ALA A 236 -20.18 -10.62 -5.78
C ALA A 236 -21.22 -11.10 -6.80
N THR A 237 -21.60 -10.21 -7.71
CA THR A 237 -22.68 -10.48 -8.69
C THR A 237 -22.29 -11.65 -9.60
N LYS A 238 -21.08 -11.63 -10.13
CA LYS A 238 -20.59 -12.76 -10.94
C LYS A 238 -20.65 -14.07 -10.20
N GLN A 239 -20.48 -14.06 -8.89
CA GLN A 239 -20.51 -15.29 -8.15
C GLN A 239 -21.84 -15.55 -7.44
N GLY A 240 -22.90 -14.83 -7.81
CA GLY A 240 -24.23 -15.11 -7.33
C GLY A 240 -24.52 -14.59 -5.93
N VAL A 241 -23.76 -13.58 -5.49
CA VAL A 241 -24.04 -12.91 -4.24
C VAL A 241 -24.60 -11.54 -4.61
N ARG A 242 -25.82 -11.21 -4.16
CA ARG A 242 -26.43 -9.94 -4.54
C ARG A 242 -25.87 -8.74 -3.78
N ALA A 243 -25.69 -7.63 -4.47
CA ALA A 243 -25.09 -6.47 -3.83
C ALA A 243 -26.06 -5.28 -3.84
N GLY A 244 -26.15 -4.60 -2.70
CA GLY A 244 -26.83 -3.28 -2.60
C GLY A 244 -26.10 -2.36 -3.58
N THR A 245 -26.79 -1.42 -4.23
CA THR A 245 -26.09 -0.41 -5.04
C THR A 245 -25.23 0.42 -4.07
N PHE A 246 -23.92 0.51 -4.33
CA PHE A 246 -22.92 1.08 -3.37
C PHE A 246 -22.88 2.61 -3.25
N PHE A 247 -23.49 3.28 -4.21
CA PHE A 247 -23.28 4.71 -4.38
C PHE A 247 -24.53 5.49 -4.12
N TRP A 248 -24.39 6.64 -3.47
CA TRP A 248 -25.54 7.46 -3.10
C TRP A 248 -25.38 8.86 -3.70
N SER A 249 -26.40 9.34 -4.39
CA SER A 249 -26.39 10.77 -4.79
C SER A 249 -26.25 11.65 -3.55
N VAL A 250 -25.41 12.69 -3.66
CA VAL A 250 -24.93 13.52 -2.51
C VAL A 250 -26.11 14.12 -1.72
N SER A 251 -27.20 14.43 -2.42
CA SER A 251 -28.33 15.13 -1.77
C SER A 251 -29.28 14.20 -1.02
N ILE A 252 -29.11 12.89 -1.16
CA ILE A 252 -29.89 11.95 -0.33
C ILE A 252 -29.34 12.00 1.08
N PRO A 253 -30.17 12.43 2.07
CA PRO A 253 -29.59 12.57 3.40
C PRO A 253 -29.15 11.22 4.01
N HIS A 254 -28.20 11.29 4.93
CA HIS A 254 -27.71 10.09 5.59
C HIS A 254 -28.77 9.25 6.21
N GLU A 255 -29.75 9.91 6.83
CA GLU A 255 -30.79 9.17 7.52
C GLU A 255 -31.59 8.32 6.54
N ARG A 256 -31.78 8.83 5.33
CA ARG A 256 -32.53 8.11 4.32
C ARG A 256 -31.69 6.97 3.75
N ARG A 257 -30.37 7.18 3.63
CA ARG A 257 -29.50 6.09 3.18
C ARG A 257 -29.59 4.89 4.14
N ILE A 258 -29.50 5.17 5.44
CA ILE A 258 -29.58 4.13 6.45
C ILE A 258 -30.94 3.41 6.40
N LEU A 259 -32.03 4.18 6.33
CA LEU A 259 -33.36 3.58 6.23
C LEU A 259 -33.51 2.72 4.96
N THR A 260 -32.91 3.15 3.85
CA THR A 260 -32.97 2.37 2.66
C THR A 260 -32.21 1.03 2.84
N ILE A 261 -31.03 1.09 3.45
CA ILE A 261 -30.31 -0.16 3.79
C ILE A 261 -31.13 -1.09 4.65
N LEU A 262 -31.78 -0.56 5.68
CA LEU A 262 -32.54 -1.38 6.61
C LEU A 262 -33.75 -1.99 5.89
N GLN A 263 -34.36 -1.22 5.00
CA GLN A 263 -35.49 -1.72 4.20
C GLN A 263 -35.05 -2.84 3.26
N TRP A 264 -33.92 -2.66 2.58
CA TRP A 264 -33.34 -3.72 1.75
C TRP A 264 -33.10 -4.99 2.52
N LEU A 265 -32.69 -4.86 3.79
CA LEU A 265 -32.45 -6.04 4.64
C LEU A 265 -33.74 -6.77 5.04
N SER A 266 -34.89 -6.17 4.73
CA SER A 266 -36.20 -6.81 5.00
C SER A 266 -36.78 -7.40 3.73
N LEU A 267 -36.07 -7.31 2.62
CA LEU A 267 -36.54 -7.97 1.40
C LEU A 267 -36.62 -9.51 1.60
N PRO A 268 -37.46 -10.19 0.80
CA PRO A 268 -37.46 -11.66 0.83
C PRO A 268 -36.09 -12.18 0.46
N ASP A 269 -35.80 -13.38 0.94
CA ASP A 269 -34.49 -14.02 0.79
C ASP A 269 -33.89 -13.99 -0.59
N ASN A 270 -34.68 -14.34 -1.59
CA ASN A 270 -34.19 -14.40 -2.96
C ASN A 270 -33.94 -13.02 -3.60
N GLU A 271 -34.42 -11.93 -2.97
CA GLU A 271 -34.22 -10.57 -3.48
C GLU A 271 -33.21 -9.74 -2.65
N ARG A 272 -32.90 -10.19 -1.44
CA ARG A 272 -32.16 -9.39 -0.46
C ARG A 272 -30.67 -9.41 -0.77
N PRO A 273 -30.03 -8.22 -0.86
CA PRO A 273 -28.58 -8.29 -1.00
C PRO A 273 -27.85 -8.84 0.22
N SER A 274 -26.65 -9.36 -0.05
CA SER A 274 -25.78 -9.80 1.02
C SER A 274 -24.71 -8.78 1.37
N VAL A 275 -24.47 -7.80 0.51
CA VAL A 275 -23.45 -6.79 0.87
C VAL A 275 -24.01 -5.41 0.54
N TYR A 276 -23.66 -4.45 1.39
CA TYR A 276 -24.22 -3.11 1.39
C TYR A 276 -23.09 -2.15 1.64
N ALA A 277 -23.24 -0.93 1.11
CA ALA A 277 -22.25 0.14 1.38
C ALA A 277 -22.95 1.43 1.76
N PHE A 278 -22.39 2.13 2.74
CA PHE A 278 -22.85 3.46 3.10
C PHE A 278 -21.60 4.34 2.99
N TYR A 279 -21.69 5.53 2.44
CA TYR A 279 -20.56 6.42 2.33
C TYR A 279 -20.92 7.75 2.96
N SER A 280 -20.01 8.28 3.74
CA SER A 280 -20.20 9.62 4.34
C SER A 280 -19.18 10.61 3.76
N GLU A 281 -19.67 11.76 3.29
CA GLU A 281 -18.82 12.87 2.85
C GLU A 281 -18.04 13.55 3.99
N GLN A 282 -18.48 13.30 5.22
CA GLN A 282 -17.89 13.82 6.44
C GLN A 282 -17.00 12.72 7.06
N PRO A 283 -15.95 13.11 7.76
CA PRO A 283 -15.58 14.49 8.15
C PRO A 283 -14.75 15.27 7.10
N ASP A 284 -14.46 14.69 5.92
CA ASP A 284 -13.63 15.35 4.89
C ASP A 284 -14.15 16.74 4.57
N PHE A 285 -15.46 16.85 4.34
CA PHE A 285 -16.01 18.14 3.92
C PHE A 285 -15.65 19.28 4.89
N SER A 286 -15.90 19.09 6.18
CA SER A 286 -15.54 20.14 7.15
C SER A 286 -14.03 20.27 7.34
N GLY A 287 -13.32 19.15 7.26
CA GLY A 287 -11.83 19.11 7.48
C GLY A 287 -11.14 20.01 6.44
N HIS A 288 -11.61 20.01 5.20
CA HIS A 288 -11.04 20.93 4.22
C HIS A 288 -11.20 22.39 4.68
N LYS A 289 -12.38 22.71 5.23
CA LYS A 289 -12.72 24.12 5.57
C LYS A 289 -12.01 24.53 6.85
N TYR A 290 -11.95 23.60 7.81
CA TYR A 290 -11.50 23.94 9.17
C TYR A 290 -10.20 23.37 9.65
N GLY A 291 -9.59 22.49 8.84
CA GLY A 291 -8.38 21.81 9.29
C GLY A 291 -8.76 20.58 10.08
N PRO A 292 -7.83 19.62 10.19
CA PRO A 292 -8.18 18.35 10.79
C PRO A 292 -8.69 18.44 12.22
N PHE A 293 -8.14 19.37 13.00
CA PHE A 293 -8.57 19.52 14.43
C PHE A 293 -9.25 20.87 14.77
N GLY A 294 -9.72 21.56 13.72
CA GLY A 294 -10.52 22.78 13.93
C GLY A 294 -11.62 22.55 14.94
N PRO A 295 -11.94 23.55 15.78
CA PRO A 295 -13.01 23.32 16.77
C PRO A 295 -14.35 23.00 16.11
N GLU A 296 -14.51 23.38 14.85
CA GLU A 296 -15.72 23.03 14.09
C GLU A 296 -15.81 21.54 13.76
N MET A 297 -14.75 20.78 14.06
CA MET A 297 -14.74 19.37 13.66
C MET A 297 -15.50 18.46 14.62
N THR A 298 -15.82 18.95 15.82
CA THR A 298 -16.48 18.12 16.81
C THR A 298 -17.86 17.70 16.32
N ASN A 299 -18.62 18.68 15.82
CA ASN A 299 -19.98 18.44 15.36
C ASN A 299 -20.09 17.38 14.24
N PRO A 300 -19.24 17.49 13.19
CA PRO A 300 -19.29 16.41 12.19
C PRO A 300 -19.00 15.02 12.75
N LEU A 301 -18.09 14.92 13.74
CA LEU A 301 -17.77 13.63 14.32
C LEU A 301 -18.96 13.11 15.10
N ARG A 302 -19.64 13.98 15.85
CA ARG A 302 -20.85 13.61 16.60
C ARG A 302 -21.92 13.12 15.62
N GLU A 303 -22.03 13.78 14.46
CA GLU A 303 -23.11 13.46 13.54
C GLU A 303 -22.85 12.09 12.91
N ILE A 304 -21.61 11.83 12.52
CA ILE A 304 -21.29 10.49 11.97
C ILE A 304 -21.57 9.43 13.05
N ASP A 305 -21.15 9.68 14.28
CA ASP A 305 -21.47 8.73 15.34
C ASP A 305 -22.98 8.47 15.47
N LYS A 306 -23.78 9.53 15.36
CA LYS A 306 -25.23 9.38 15.46
C LYS A 306 -25.76 8.48 14.33
N THR A 307 -25.18 8.61 13.12
CA THR A 307 -25.59 7.78 11.99
C THR A 307 -25.26 6.32 12.27
N VAL A 308 -24.05 6.06 12.80
CA VAL A 308 -23.68 4.70 13.19
C VAL A 308 -24.67 4.15 14.21
N GLY A 309 -25.04 5.00 15.17
CA GLY A 309 -26.03 4.66 16.19
C GLY A 309 -27.37 4.26 15.54
N GLN A 310 -27.81 5.04 14.56
CA GLN A 310 -29.06 4.72 13.83
C GLN A 310 -29.01 3.36 13.14
N LEU A 311 -27.89 3.11 12.43
CA LEU A 311 -27.70 1.81 11.81
C LEU A 311 -27.74 0.67 12.80
N MET A 312 -26.98 0.78 13.88
CA MET A 312 -26.93 -0.28 14.88
C MET A 312 -28.26 -0.53 15.61
N ASP A 313 -28.93 0.54 16.01
CA ASP A 313 -30.31 0.42 16.49
C ASP A 313 -31.25 -0.22 15.49
N GLY A 314 -31.19 0.21 14.25
CA GLY A 314 -31.99 -0.39 13.19
C GLY A 314 -31.70 -1.88 13.02
N LEU A 315 -30.41 -2.24 13.05
CA LEU A 315 -30.03 -3.67 12.97
C LEU A 315 -30.59 -4.40 14.20
N LYS A 316 -30.44 -3.84 15.39
CA LYS A 316 -30.99 -4.48 16.60
C LYS A 316 -32.53 -4.77 16.46
N GLN A 317 -33.29 -3.78 15.96
CA GLN A 317 -34.74 -3.95 15.68
C GLN A 317 -35.04 -5.09 14.74
N LEU A 318 -34.19 -5.30 13.74
CA LEU A 318 -34.36 -6.36 12.81
C LEU A 318 -33.76 -7.69 13.32
N ARG A 319 -33.29 -7.70 14.56
CA ARG A 319 -32.58 -8.86 15.12
C ARG A 319 -31.37 -9.26 14.28
N LEU A 320 -30.62 -8.28 13.76
CA LEU A 320 -29.47 -8.51 12.89
C LEU A 320 -28.17 -8.02 13.52
N HIS A 321 -28.24 -7.45 14.73
CA HIS A 321 -27.04 -6.81 15.31
C HIS A 321 -25.97 -7.85 15.75
N ARG A 322 -26.32 -9.13 15.79
CA ARG A 322 -25.36 -10.18 16.11
C ARG A 322 -25.29 -11.16 14.91
N CYS A 323 -25.63 -10.65 13.72
CA CYS A 323 -25.68 -11.41 12.50
C CYS A 323 -24.77 -10.74 11.44
N VAL A 324 -24.84 -9.42 11.31
CA VAL A 324 -24.12 -8.69 10.26
C VAL A 324 -22.64 -8.42 10.66
N ASN A 325 -21.73 -8.52 9.67
CA ASN A 325 -20.41 -7.98 9.85
C ASN A 325 -20.41 -6.53 9.36
N VAL A 326 -19.90 -5.64 10.19
CA VAL A 326 -19.84 -4.20 9.88
C VAL A 326 -18.39 -3.80 9.74
N ILE A 327 -18.05 -3.11 8.66
CA ILE A 327 -16.70 -2.58 8.54
C ILE A 327 -16.86 -1.06 8.57
N PHE A 328 -16.08 -0.43 9.45
CA PHE A 328 -16.03 1.01 9.53
C PHE A 328 -14.63 1.39 9.04
N VAL A 329 -14.56 2.09 7.91
CA VAL A 329 -13.29 2.24 7.24
C VAL A 329 -13.22 3.63 6.60
N GLY A 330 -12.04 4.25 6.65
CA GLY A 330 -11.83 5.55 6.02
C GLY A 330 -11.04 5.43 4.72
N ASP A 331 -11.09 6.47 3.89
CA ASP A 331 -10.26 6.48 2.68
C ASP A 331 -8.85 7.08 2.87
N HIS A 332 -8.71 8.09 3.74
CA HIS A 332 -7.41 8.82 3.96
C HIS A 332 -7.70 9.78 5.10
N GLY A 333 -6.63 10.40 5.61
CA GLY A 333 -6.76 11.36 6.71
C GLY A 333 -6.83 12.80 6.16
N MET A 334 -6.27 13.74 6.92
CA MET A 334 -6.43 15.15 6.58
C MET A 334 -5.29 15.86 7.33
N GLU A 335 -4.63 16.80 6.63
CA GLU A 335 -3.50 17.54 7.18
C GLU A 335 -3.85 19.07 7.15
N ASP A 336 -3.14 19.85 7.98
CA ASP A 336 -3.26 21.33 7.94
C ASP A 336 -2.51 21.86 6.75
N VAL A 337 -3.24 22.55 5.87
CA VAL A 337 -2.69 23.06 4.64
C VAL A 337 -3.44 24.36 4.41
N THR A 338 -2.71 25.47 4.28
CA THR A 338 -3.35 26.80 4.01
C THR A 338 -2.76 27.44 2.73
N CYS A 339 -3.48 28.39 2.12
CA CYS A 339 -3.07 29.02 0.82
C CYS A 339 -1.69 29.66 0.89
N ASP A 340 -1.29 30.15 2.05
CA ASP A 340 0.02 30.75 2.10
C ASP A 340 1.14 29.74 1.99
N ARG A 341 0.87 28.44 2.21
CA ARG A 341 1.92 27.41 2.04
C ARG A 341 1.79 26.78 0.65
N THR A 342 2.01 27.60 -0.37
CA THR A 342 2.00 27.17 -1.75
C THR A 342 3.35 27.58 -2.36
N GLU A 343 4.00 26.64 -3.03
CA GLU A 343 5.14 26.88 -3.91
C GLU A 343 4.62 27.09 -5.31
N PHE A 344 5.23 28.05 -6.04
CA PHE A 344 4.82 28.30 -7.41
C PHE A 344 5.86 27.94 -8.45
N LEU A 345 5.48 27.17 -9.45
CA LEU A 345 6.44 26.75 -10.47
C LEU A 345 7.00 28.00 -11.21
N SER A 346 6.20 29.07 -11.24
CA SER A 346 6.60 30.33 -11.88
C SER A 346 7.81 30.96 -11.16
N ASN A 347 8.09 30.55 -9.93
CA ASN A 347 9.35 30.95 -9.27
C ASN A 347 10.59 30.08 -9.61
N TYR A 348 10.42 29.06 -10.46
CA TYR A 348 11.52 28.17 -10.83
C TYR A 348 11.76 28.12 -12.33
N LEU A 349 10.67 28.08 -13.09
CA LEU A 349 10.71 27.80 -14.51
C LEU A 349 10.62 29.12 -15.26
N THR A 350 11.36 29.23 -16.36
CA THR A 350 11.16 30.40 -17.24
C THR A 350 9.91 30.17 -18.13
N ASN A 351 9.85 29.02 -18.80
CA ASN A 351 8.75 28.65 -19.70
C ASN A 351 7.44 28.13 -19.06
N VAL A 352 7.03 28.70 -17.93
CA VAL A 352 5.82 28.20 -17.22
C VAL A 352 4.54 27.99 -18.09
N ASP A 353 4.42 28.73 -19.20
CA ASP A 353 3.25 28.56 -20.08
C ASP A 353 3.35 27.41 -21.07
N ASP A 354 4.47 26.70 -21.09
CA ASP A 354 4.60 25.58 -21.98
C ASP A 354 4.27 24.27 -21.27
N ILE A 355 3.88 24.36 -20.00
CA ILE A 355 3.52 23.17 -19.21
C ILE A 355 2.08 23.20 -18.73
N THR A 356 1.53 22.00 -18.53
CA THR A 356 0.27 21.75 -17.84
C THR A 356 0.66 21.09 -16.52
N LEU A 357 0.20 21.68 -15.43
CA LEU A 357 0.35 21.09 -14.10
C LEU A 357 -0.99 20.62 -13.52
N VAL A 358 -0.99 19.37 -13.04
CA VAL A 358 -2.03 18.95 -12.11
C VAL A 358 -1.53 19.32 -10.73
N PRO A 359 -2.22 20.25 -10.02
CA PRO A 359 -1.64 20.91 -8.87
C PRO A 359 -2.14 20.40 -7.50
N GLY A 360 -1.56 20.91 -6.41
CA GLY A 360 -2.13 20.64 -5.10
C GLY A 360 -1.15 19.92 -4.20
N THR A 361 -1.60 18.82 -3.60
CA THR A 361 -0.79 18.13 -2.61
C THR A 361 0.14 17.12 -3.31
N LEU A 362 0.07 17.09 -4.65
CA LEU A 362 1.04 16.37 -5.48
C LEU A 362 1.09 17.16 -6.77
N GLY A 363 2.16 16.99 -7.54
CA GLY A 363 2.22 17.68 -8.85
C GLY A 363 2.42 16.68 -9.95
N ARG A 364 1.79 16.89 -11.09
CA ARG A 364 2.06 16.07 -12.25
C ARG A 364 2.19 17.02 -13.45
N ILE A 365 3.29 16.89 -14.18
CA ILE A 365 3.62 17.89 -15.22
C ILE A 365 3.68 17.21 -16.59
N ARG A 366 3.06 17.83 -17.59
CA ARG A 366 3.26 17.40 -18.95
C ARG A 366 3.30 18.64 -19.85
N ALA A 367 3.65 18.46 -21.13
CA ALA A 367 3.71 19.59 -22.07
C ALA A 367 2.28 20.09 -22.29
N LYS A 368 2.11 21.41 -22.38
CA LYS A 368 0.79 21.98 -22.70
C LYS A 368 0.35 21.58 -24.12
N SER A 369 1.31 21.48 -25.02
CA SER A 369 1.03 21.15 -26.41
C SER A 369 1.97 20.03 -26.91
N ILE A 370 1.41 18.98 -27.52
CA ILE A 370 2.26 17.90 -28.08
C ILE A 370 2.93 18.32 -29.40
N ASN A 371 2.50 19.46 -29.94
CA ASN A 371 3.11 20.07 -31.13
C ASN A 371 4.37 20.91 -30.82
N ASN A 372 4.61 21.19 -29.54
CA ASN A 372 5.77 21.95 -29.08
C ASN A 372 7.02 21.08 -28.86
N SER A 373 7.93 21.07 -29.84
CA SER A 373 9.11 20.19 -29.80
C SER A 373 10.34 20.81 -29.11
N LYS A 374 10.13 21.94 -28.43
CA LYS A 374 11.15 22.52 -27.56
C LYS A 374 10.82 22.35 -26.07
N TYR A 375 9.73 21.65 -25.80
CA TYR A 375 9.45 21.13 -24.46
C TYR A 375 10.52 20.09 -24.16
N ASP A 376 11.12 20.17 -22.97
CA ASP A 376 12.19 19.24 -22.56
C ASP A 376 12.07 18.86 -21.09
N PRO A 377 11.69 17.60 -20.80
CA PRO A 377 11.54 17.21 -19.38
C PRO A 377 12.84 17.26 -18.59
N LYS A 378 13.98 17.00 -19.26
CA LYS A 378 15.26 17.01 -18.56
C LYS A 378 15.49 18.36 -17.97
N THR A 379 15.25 19.41 -18.75
CA THR A 379 15.55 20.75 -18.24
C THR A 379 14.48 21.26 -17.25
N ILE A 380 13.23 20.79 -17.36
CA ILE A 380 12.23 21.09 -16.34
C ILE A 380 12.62 20.48 -14.99
N ILE A 381 12.96 19.18 -14.99
CA ILE A 381 13.43 18.56 -13.74
C ILE A 381 14.62 19.29 -13.11
N ALA A 382 15.64 19.60 -13.93
CA ALA A 382 16.81 20.30 -13.40
C ALA A 382 16.45 21.66 -12.77
N ALA A 383 15.56 22.42 -13.41
CA ALA A 383 15.18 23.74 -12.92
C ALA A 383 14.37 23.62 -11.61
N LEU A 384 13.84 22.43 -11.34
CA LEU A 384 13.03 22.18 -10.12
C LEU A 384 13.82 21.49 -9.00
N THR A 385 15.09 21.15 -9.25
CA THR A 385 15.86 20.34 -8.33
C THR A 385 16.76 21.16 -7.43
N CYS A 386 16.52 21.02 -6.12
CA CYS A 386 17.30 21.66 -5.06
C CYS A 386 17.65 23.14 -5.30
N LYS A 387 16.66 23.92 -5.71
CA LYS A 387 16.87 25.29 -6.13
C LYS A 387 16.75 26.32 -5.03
N LYS A 388 16.02 26.00 -3.98
CA LYS A 388 15.82 26.92 -2.88
C LYS A 388 16.08 26.15 -1.60
N PRO A 389 16.77 26.77 -0.63
CA PRO A 389 17.20 26.07 0.58
C PRO A 389 16.10 25.25 1.24
N ASP A 390 14.89 25.80 1.35
CA ASP A 390 13.83 25.06 2.05
C ASP A 390 12.71 24.54 1.17
N GLN A 391 13.01 24.33 -0.11
CA GLN A 391 12.07 23.93 -1.13
C GLN A 391 11.07 22.89 -0.58
N HIS A 392 9.76 23.02 -0.83
CA HIS A 392 8.78 22.11 -0.18
C HIS A 392 8.16 21.07 -1.13
N PHE A 393 8.87 20.75 -2.21
CA PHE A 393 8.48 19.66 -3.05
C PHE A 393 9.78 19.13 -3.67
N LYS A 394 9.74 17.87 -4.09
CA LYS A 394 10.90 17.30 -4.80
C LYS A 394 10.42 16.71 -6.11
N PRO A 395 11.06 17.08 -7.24
CA PRO A 395 10.69 16.47 -8.52
C PRO A 395 11.30 15.09 -8.76
N TYR A 396 10.55 14.27 -9.50
CA TYR A 396 11.01 12.95 -9.87
C TYR A 396 10.50 12.61 -11.24
N MET A 397 11.29 11.88 -12.03
CA MET A 397 10.73 11.11 -13.12
C MET A 397 9.96 10.00 -12.39
N LYS A 398 8.78 9.63 -12.89
CA LYS A 398 7.92 8.69 -12.13
C LYS A 398 8.60 7.35 -11.80
N GLN A 399 9.47 6.89 -12.70
CA GLN A 399 10.18 5.65 -12.45
C GLN A 399 11.17 5.73 -11.28
N HIS A 400 11.50 6.94 -10.83
CA HIS A 400 12.44 7.13 -9.72
C HIS A 400 11.74 7.38 -8.40
N LEU A 401 10.41 7.49 -8.43
CA LEU A 401 9.65 7.52 -7.17
C LEU A 401 9.93 6.24 -6.35
N PRO A 402 9.94 6.36 -4.99
CA PRO A 402 10.04 5.21 -4.07
C PRO A 402 9.14 4.09 -4.56
N LYS A 403 9.68 2.90 -4.67
CA LYS A 403 8.90 1.81 -5.22
C LYS A 403 7.70 1.47 -4.34
N ARG A 404 7.79 1.75 -3.04
CA ARG A 404 6.66 1.49 -2.14
C ARG A 404 5.39 2.23 -2.55
N LEU A 405 5.51 3.33 -3.31
CA LEU A 405 4.31 4.06 -3.79
C LEU A 405 3.60 3.38 -4.94
N HIS A 406 4.30 2.50 -5.66
CA HIS A 406 3.74 1.76 -6.79
C HIS A 406 2.97 2.69 -7.71
N TYR A 407 3.63 3.79 -8.08
CA TYR A 407 2.98 4.89 -8.79
C TYR A 407 3.72 5.27 -10.10
N ALA A 408 3.66 4.39 -11.08
CA ALA A 408 4.33 4.68 -12.37
C ALA A 408 3.74 3.99 -13.57
N ASN A 409 3.28 2.74 -13.42
CA ASN A 409 2.89 1.92 -14.58
C ASN A 409 1.46 2.21 -15.06
N ASN A 410 1.24 3.45 -15.49
CA ASN A 410 -0.05 3.78 -16.10
C ASN A 410 0.20 5.01 -16.99
N ARG A 411 -0.35 4.99 -18.20
CA ARG A 411 -0.18 6.13 -19.15
C ARG A 411 -0.83 7.40 -18.65
N ARG A 412 -1.71 7.26 -17.64
CA ARG A 412 -2.36 8.43 -17.05
C ARG A 412 -1.48 9.14 -16.01
N ILE A 413 -0.38 8.51 -15.64
CA ILE A 413 0.54 9.14 -14.71
C ILE A 413 1.67 9.79 -15.53
N GLU A 414 1.76 11.11 -15.39
CA GLU A 414 2.70 11.89 -16.19
C GLU A 414 4.13 11.52 -15.79
N ASP A 415 5.04 11.56 -16.77
CA ASP A 415 6.44 11.24 -16.52
C ASP A 415 7.05 12.07 -15.38
N ILE A 416 6.69 13.35 -15.30
CA ILE A 416 7.24 14.21 -14.26
C ILE A 416 6.30 14.30 -13.09
N HIS A 417 6.82 13.96 -11.90
CA HIS A 417 6.04 13.99 -10.65
C HIS A 417 6.66 14.89 -9.59
N LEU A 418 5.83 15.62 -8.85
CA LEU A 418 6.35 16.35 -7.71
C LEU A 418 5.80 15.77 -6.44
N LEU A 419 6.68 15.31 -5.56
CA LEU A 419 6.27 14.90 -4.21
C LEU A 419 6.31 16.10 -3.33
N VAL A 420 5.12 16.48 -2.86
CA VAL A 420 4.96 17.72 -2.10
C VAL A 420 5.10 17.46 -0.62
N ASP A 421 5.84 18.30 0.12
CA ASP A 421 5.93 18.11 1.56
C ASP A 421 4.60 18.23 2.27
N ARG A 422 4.41 17.46 3.35
CA ARG A 422 3.17 17.57 4.12
C ARG A 422 2.98 19.05 4.50
N ARG A 423 1.74 19.50 4.49
CA ARG A 423 1.33 20.87 4.91
C ARG A 423 1.46 21.88 3.77
N TRP A 424 1.95 21.45 2.62
CA TRP A 424 2.16 22.36 1.46
C TRP A 424 1.33 22.02 0.24
N HIS A 425 1.21 23.01 -0.64
CA HIS A 425 0.72 22.83 -1.99
C HIS A 425 1.76 23.29 -3.00
N VAL A 426 1.59 22.79 -4.22
CA VAL A 426 2.28 23.34 -5.36
C VAL A 426 1.24 23.84 -6.36
N ALA A 427 1.53 24.98 -7.00
CA ALA A 427 0.65 25.54 -8.05
C ALA A 427 1.53 26.07 -9.18
N ARG A 428 0.93 26.36 -10.34
CA ARG A 428 1.75 26.77 -11.47
C ARG A 428 2.14 28.26 -11.30
N LYS A 429 1.12 29.10 -11.04
CA LYS A 429 1.33 30.55 -10.92
C LYS A 429 0.48 31.07 -9.79
N PRO A 430 0.90 32.17 -9.12
CA PRO A 430 0.07 32.70 -8.01
C PRO A 430 -1.39 32.98 -8.34
N LEU A 431 -1.68 33.37 -9.59
CA LEU A 431 -3.08 33.66 -9.96
C LEU A 431 -4.02 32.45 -9.81
N ASP A 432 -3.48 31.23 -9.97
CA ASP A 432 -4.24 29.98 -9.77
C ASP A 432 -4.83 29.78 -8.37
N VAL A 433 -4.14 30.28 -7.36
CA VAL A 433 -4.53 30.18 -5.96
C VAL A 433 -5.59 31.25 -5.56
N TYR A 434 -5.92 32.18 -6.46
CA TYR A 434 -6.96 33.21 -6.18
C TYR A 434 -7.91 33.57 -7.37
N LYS A 435 -7.73 32.94 -8.54
CA LYS A 435 -8.68 33.10 -9.68
C LYS A 435 -9.27 31.75 -10.20
N LYS A 436 -9.23 30.72 -9.34
CA LYS A 436 -9.72 29.36 -9.66
C LYS A 436 -11.22 29.29 -9.95
N CYS A 441 -7.57 33.42 2.17
CA CYS A 441 -7.56 31.99 1.89
C CYS A 441 -8.83 31.26 2.32
N PHE A 442 -9.30 30.34 1.49
CA PHE A 442 -10.45 29.50 1.82
C PHE A 442 -10.09 28.41 2.84
N PHE A 443 -9.44 27.37 2.33
CA PHE A 443 -9.32 26.05 2.98
C PHE A 443 -8.22 25.98 4.05
N GLN A 444 -8.38 25.09 5.02
CA GLN A 444 -7.40 24.96 6.08
C GLN A 444 -6.89 23.51 6.19
N GLY A 445 -7.45 22.62 5.37
CA GLY A 445 -7.03 21.19 5.41
C GLY A 445 -6.96 20.63 4.00
N ASP A 446 -6.08 19.65 3.76
CA ASP A 446 -6.11 18.94 2.52
C ASP A 446 -5.40 17.59 2.72
N HIS A 447 -5.42 16.77 1.68
CA HIS A 447 -4.83 15.43 1.72
C HIS A 447 -4.33 15.14 0.32
N GLY A 448 -3.52 14.08 0.20
CA GLY A 448 -3.01 13.64 -1.07
C GLY A 448 -1.55 13.27 -1.00
N PHE A 449 -0.90 13.66 0.10
CA PHE A 449 0.55 13.50 0.30
C PHE A 449 0.94 11.99 0.35
N ASP A 450 2.24 11.75 0.26
CA ASP A 450 2.86 10.43 0.51
C ASP A 450 2.10 9.61 1.55
N ASN A 451 1.72 8.36 1.21
CA ASN A 451 0.86 7.58 2.09
C ASN A 451 1.55 7.06 3.35
N LYS A 452 2.82 7.39 3.55
CA LYS A 452 3.45 7.12 4.82
C LYS A 452 3.23 8.18 5.87
N VAL A 453 2.80 9.36 5.46
CA VAL A 453 2.63 10.52 6.36
C VAL A 453 1.57 10.26 7.43
N ASN A 454 1.89 10.57 8.69
CA ASN A 454 1.00 10.24 9.81
C ASN A 454 -0.39 10.85 9.63
N SER A 455 -0.45 12.12 9.20
CA SER A 455 -1.76 12.75 9.11
C SER A 455 -2.63 12.12 8.01
N MET A 456 -2.03 11.37 7.08
CA MET A 456 -2.80 10.80 5.98
C MET A 456 -3.38 9.41 6.40
N GLN A 457 -2.93 8.84 7.51
CA GLN A 457 -3.43 7.49 7.90
C GLN A 457 -4.90 7.54 8.22
N THR A 458 -5.57 6.41 8.11
CA THR A 458 -7.01 6.43 8.31
C THR A 458 -7.38 5.24 9.18
N VAL A 459 -8.67 4.87 9.19
CA VAL A 459 -9.19 3.95 10.22
C VAL A 459 -9.68 2.63 9.65
N PHE A 460 -9.66 1.60 10.52
CA PHE A 460 -10.32 0.33 10.25
C PHE A 460 -10.84 -0.26 11.57
N VAL A 461 -12.11 -0.65 11.53
CA VAL A 461 -12.74 -1.42 12.58
C VAL A 461 -13.60 -2.46 11.88
N GLY A 462 -13.54 -3.69 12.40
CA GLY A 462 -14.45 -4.75 11.91
C GLY A 462 -15.22 -5.26 13.12
N TYR A 463 -16.54 -5.37 12.98
CA TYR A 463 -17.34 -5.84 14.11
C TYR A 463 -18.31 -6.88 13.60
N GLY A 464 -18.42 -8.01 14.29
CA GLY A 464 -19.42 -8.98 13.83
C GLY A 464 -19.01 -10.40 14.16
N PRO A 465 -19.82 -11.39 13.76
CA PRO A 465 -19.53 -12.81 14.07
C PRO A 465 -18.24 -13.30 13.44
N THR A 466 -17.86 -12.77 12.28
CA THR A 466 -16.71 -13.26 11.55
C THR A 466 -15.42 -12.61 11.99
N PHE A 467 -15.51 -11.41 12.56
CA PHE A 467 -14.35 -10.73 13.14
C PHE A 467 -14.06 -11.20 14.55
N LYS A 468 -12.81 -11.03 14.96
CA LYS A 468 -12.43 -11.36 16.34
C LYS A 468 -13.05 -10.42 17.37
N TYR A 469 -13.10 -10.89 18.60
CA TYR A 469 -13.65 -10.11 19.73
C TYR A 469 -12.54 -9.34 20.48
N ARG A 470 -12.75 -8.04 20.75
CA ARG A 470 -11.83 -7.17 21.53
C ARG A 470 -10.37 -7.36 21.12
N THR A 471 -10.09 -7.29 19.81
CA THR A 471 -8.77 -7.67 19.33
C THR A 471 -8.16 -6.45 18.65
N LYS A 472 -6.92 -6.13 19.00
CA LYS A 472 -6.17 -5.09 18.28
C LYS A 472 -5.23 -5.79 17.32
N VAL A 473 -5.16 -5.31 16.09
CA VAL A 473 -4.26 -5.88 15.11
C VAL A 473 -3.30 -4.78 14.67
N PRO A 474 -2.12 -5.15 14.17
CA PRO A 474 -1.17 -4.11 13.71
C PRO A 474 -1.70 -3.34 12.50
N PRO A 475 -1.18 -2.13 12.28
CA PRO A 475 -1.53 -1.38 11.06
C PRO A 475 -1.29 -2.22 9.79
N PHE A 476 -2.13 -2.02 8.78
CA PHE A 476 -1.99 -2.74 7.54
C PHE A 476 -2.47 -1.79 6.44
N GLU A 477 -2.23 -2.20 5.21
CA GLU A 477 -2.55 -1.38 4.04
C GLU A 477 -3.92 -1.66 3.49
N ASN A 478 -4.58 -0.60 3.03
CA ASN A 478 -5.94 -0.79 2.50
C ASN A 478 -6.08 -1.71 1.26
N ILE A 479 -4.97 -1.95 0.52
CA ILE A 479 -5.01 -2.89 -0.62
C ILE A 479 -5.36 -4.32 -0.12
N GLU A 480 -5.20 -4.58 1.18
CA GLU A 480 -5.43 -5.95 1.72
C GLU A 480 -6.93 -6.24 1.95
N LEU A 481 -7.75 -5.18 1.98
CA LEU A 481 -9.13 -5.39 2.44
C LEU A 481 -10.08 -6.07 1.49
N TYR A 482 -9.89 -5.87 0.19
CA TYR A 482 -10.76 -6.53 -0.77
C TYR A 482 -10.80 -8.04 -0.53
N ASN A 483 -9.62 -8.65 -0.38
CA ASN A 483 -9.56 -10.10 -0.15
C ASN A 483 -10.41 -10.48 1.08
N VAL A 484 -10.30 -9.71 2.15
CA VAL A 484 -11.02 -10.01 3.39
C VAL A 484 -12.54 -9.82 3.18
N MET A 485 -12.92 -8.75 2.44
CA MET A 485 -14.33 -8.57 2.15
C MET A 485 -14.83 -9.75 1.30
N CYS A 486 -14.03 -10.22 0.34
CA CYS A 486 -14.39 -11.45 -0.39
C CYS A 486 -14.50 -12.67 0.59
N ASP A 487 -13.53 -12.84 1.50
CA ASP A 487 -13.58 -13.92 2.52
C ASP A 487 -14.88 -13.88 3.33
N LEU A 488 -15.32 -12.67 3.70
CA LEU A 488 -16.52 -12.48 4.52
C LEU A 488 -17.78 -12.83 3.81
N LEU A 489 -17.72 -12.84 2.47
CA LEU A 489 -18.89 -13.12 1.64
C LEU A 489 -18.78 -14.47 0.95
N GLY A 490 -17.72 -15.22 1.28
CA GLY A 490 -17.38 -16.50 0.58
C GLY A 490 -17.15 -16.37 -0.92
N LEU A 491 -16.55 -15.25 -1.34
CA LEU A 491 -16.22 -15.02 -2.74
C LEU A 491 -14.76 -15.34 -3.04
N LYS A 492 -14.47 -15.75 -4.26
CA LYS A 492 -13.10 -15.88 -4.73
C LYS A 492 -12.68 -14.48 -5.25
N PRO A 493 -11.62 -13.88 -4.68
CA PRO A 493 -11.22 -12.56 -5.17
C PRO A 493 -10.67 -12.58 -6.56
N ALA A 494 -10.97 -11.54 -7.35
CA ALA A 494 -10.24 -11.35 -8.59
C ALA A 494 -8.75 -11.07 -8.27
N PRO A 495 -7.86 -11.31 -9.23
CA PRO A 495 -6.41 -11.15 -8.98
C PRO A 495 -6.12 -9.73 -8.50
N ASN A 496 -5.41 -9.59 -7.38
CA ASN A 496 -5.24 -8.22 -6.85
C ASN A 496 -3.91 -8.06 -6.17
N ASN A 497 -3.68 -6.91 -5.55
CA ASN A 497 -2.36 -6.62 -4.96
C ASN A 497 -2.26 -6.89 -3.48
N GLY A 498 -3.37 -7.29 -2.87
CA GLY A 498 -3.34 -7.78 -1.48
C GLY A 498 -2.56 -9.09 -1.46
N THR A 499 -2.25 -9.54 -0.25
CA THR A 499 -1.49 -10.78 -0.13
C THR A 499 -2.45 -11.60 0.71
N HIS A 500 -3.14 -12.52 0.05
CA HIS A 500 -4.29 -13.18 0.66
C HIS A 500 -3.83 -14.16 1.72
N GLY A 501 -4.32 -13.96 2.93
CA GLY A 501 -3.89 -14.66 4.13
C GLY A 501 -3.17 -13.73 5.08
N SER A 502 -2.67 -12.60 4.57
CA SER A 502 -1.93 -11.72 5.47
C SER A 502 -2.81 -11.03 6.51
N LEU A 503 -4.12 -11.00 6.29
CA LEU A 503 -5.05 -10.44 7.29
C LEU A 503 -5.91 -11.53 7.98
N ASN A 504 -5.44 -12.78 7.91
CA ASN A 504 -6.17 -13.87 8.63
C ASN A 504 -6.35 -13.63 10.10
N HIS A 505 -5.37 -12.98 10.73
CA HIS A 505 -5.47 -12.67 12.14
C HIS A 505 -6.57 -11.68 12.54
N LEU A 506 -7.30 -11.11 11.58
CA LEU A 506 -8.44 -10.25 11.92
C LEU A 506 -9.71 -11.09 12.16
N LEU A 507 -9.66 -12.33 11.71
CA LEU A 507 -10.90 -13.11 11.51
C LEU A 507 -11.01 -14.25 12.48
N ARG A 508 -12.23 -14.46 12.97
CA ARG A 508 -12.54 -15.62 13.81
C ARG A 508 -12.65 -16.88 12.98
N THR A 509 -13.23 -16.80 11.77
CA THR A 509 -13.45 -17.96 10.86
C THR A 509 -13.36 -17.41 9.43
N ASN A 510 -13.58 -18.25 8.42
CA ASN A 510 -13.49 -17.90 6.99
C ASN A 510 -12.04 -17.54 6.65
N THR A 511 -11.08 -18.05 7.44
CA THR A 511 -9.71 -17.71 7.09
C THR A 511 -9.38 -18.32 5.70
N PHE A 512 -8.31 -17.83 5.08
CA PHE A 512 -7.94 -18.32 3.77
C PHE A 512 -6.60 -18.92 3.95
N ARG A 513 -6.47 -20.20 3.62
CA ARG A 513 -5.27 -20.86 4.09
C ARG A 513 -4.39 -21.16 2.90
N PRO A 514 -3.52 -20.21 2.48
CA PRO A 514 -2.75 -20.44 1.25
C PRO A 514 -1.61 -21.43 1.49
N THR A 515 -1.15 -22.09 0.41
CA THR A 515 0.06 -22.88 0.40
C THR A 515 1.19 -21.96 -0.14
N MET A 516 2.42 -22.21 0.28
CA MET A 516 3.58 -21.48 -0.24
C MET A 516 3.75 -21.76 -1.73
N PRO A 517 4.18 -20.74 -2.51
CA PRO A 517 4.39 -21.04 -3.94
C PRO A 517 5.44 -22.14 -4.18
N ASP A 518 5.24 -22.95 -5.23
CA ASP A 518 6.22 -24.01 -5.53
C ASP A 518 7.48 -23.40 -6.12
N GLU A 519 8.67 -23.84 -5.67
CA GLU A 519 9.93 -23.43 -6.31
C GLU A 519 9.93 -23.91 -7.77
N VAL A 520 10.31 -23.05 -8.69
CA VAL A 520 10.36 -23.41 -10.10
C VAL A 520 11.76 -23.84 -10.52
N SER A 521 12.81 -23.15 -10.10
CA SER A 521 14.17 -23.53 -10.52
C SER A 521 14.92 -24.09 -9.36
N ARG A 522 15.53 -25.26 -9.51
CA ARG A 522 16.42 -25.73 -8.43
C ARG A 522 17.88 -25.31 -8.66
N PRO A 523 18.59 -25.03 -7.59
CA PRO A 523 19.95 -24.56 -7.74
C PRO A 523 20.91 -25.68 -8.12
N ASN A 524 21.99 -25.32 -8.79
CA ASN A 524 23.20 -26.13 -8.81
C ASN A 524 24.07 -25.82 -7.59
N TYR A 525 24.87 -26.81 -7.18
CA TYR A 525 25.83 -26.70 -6.10
C TYR A 525 27.23 -27.01 -6.65
N PRO A 526 27.83 -26.06 -7.39
CA PRO A 526 29.14 -26.32 -7.99
C PRO A 526 30.29 -26.49 -6.97
N GLY A 527 31.18 -27.45 -7.27
CA GLY A 527 32.41 -27.55 -6.51
C GLY A 527 33.50 -26.85 -7.33
N ILE A 528 34.76 -27.06 -6.94
CA ILE A 528 35.88 -26.49 -7.66
C ILE A 528 36.07 -27.14 -9.02
N MET A 529 35.94 -26.35 -10.08
CA MET A 529 35.88 -26.91 -11.42
C MET A 529 36.79 -26.24 -12.42
N TYR A 530 37.44 -25.15 -12.02
CA TYR A 530 38.23 -24.31 -12.96
C TYR A 530 39.53 -23.96 -12.34
N LEU A 531 40.57 -23.95 -13.15
CA LEU A 531 41.86 -23.46 -12.70
C LEU A 531 41.94 -21.95 -12.91
N GLN A 532 42.71 -21.30 -12.07
CA GLN A 532 42.85 -19.84 -12.07
C GLN A 532 43.23 -19.33 -13.45
N SER A 533 44.14 -20.03 -14.13
CA SER A 533 44.57 -19.55 -15.47
C SER A 533 43.54 -19.68 -16.58
N GLU A 534 42.43 -20.37 -16.36
CA GLU A 534 41.35 -20.37 -17.37
C GLU A 534 40.66 -19.02 -17.43
N PHE A 535 40.87 -18.18 -16.43
CA PHE A 535 40.18 -16.90 -16.39
C PHE A 535 41.01 -15.80 -17.04
N ASP A 536 40.41 -15.12 -17.99
CA ASP A 536 41.06 -13.96 -18.56
C ASP A 536 40.10 -12.79 -18.39
N LEU A 537 39.98 -12.32 -17.14
CA LEU A 537 38.97 -11.31 -16.82
C LEU A 537 39.57 -9.93 -16.70
N GLY A 538 40.90 -9.84 -16.69
CA GLY A 538 41.54 -8.55 -16.53
C GLY A 538 41.46 -8.10 -15.09
N CYS A 539 41.19 -9.04 -14.17
CA CYS A 539 41.19 -8.74 -12.73
C CYS A 539 42.52 -9.08 -12.15
N THR A 540 42.85 -8.44 -11.03
CA THR A 540 44.07 -8.80 -10.29
C THR A 540 43.72 -8.79 -8.81
N CYS A 541 44.44 -9.58 -8.05
CA CYS A 541 44.39 -9.47 -6.61
C CYS A 541 45.75 -9.80 -6.01
N ASP A 542 46.18 -9.00 -5.04
CA ASP A 542 47.39 -9.33 -4.25
C ASP A 542 47.06 -10.41 -3.20
N ASP A 543 46.87 -11.66 -3.65
CA ASP A 543 46.49 -12.73 -2.72
C ASP A 543 47.41 -13.97 -2.68
N LYS A 544 48.65 -13.83 -3.15
CA LYS A 544 49.59 -14.96 -3.26
C LYS A 544 50.41 -15.22 -1.96
N VAL A 545 49.76 -15.61 -0.87
CA VAL A 545 50.51 -16.00 0.38
C VAL A 545 50.09 -17.38 0.96
N GLU A 546 51.06 -18.30 1.07
CA GLU A 546 50.82 -19.72 1.45
C GLU A 546 50.89 -20.00 2.96
N ASN A 549 48.82 -25.58 5.47
CA ASN A 549 48.40 -25.75 6.86
C ASN A 549 47.18 -26.69 6.97
N LYS A 550 47.43 -27.96 7.30
CA LYS A 550 46.36 -28.98 7.46
C LYS A 550 45.25 -28.65 8.48
N LEU A 551 45.61 -27.94 9.56
CA LEU A 551 44.63 -27.50 10.58
C LEU A 551 43.50 -26.68 9.91
N GLU A 552 43.89 -25.69 9.11
CA GLU A 552 42.93 -24.75 8.51
C GLU A 552 42.51 -25.03 7.05
N GLU A 553 43.13 -26.04 6.41
CA GLU A 553 42.72 -26.50 5.08
C GLU A 553 41.46 -27.34 5.14
N LEU A 554 41.31 -28.12 6.22
CA LEU A 554 40.04 -28.82 6.47
C LEU A 554 38.91 -27.79 6.56
N ASN A 555 39.11 -26.77 7.39
CA ASN A 555 38.16 -25.68 7.65
C ASN A 555 37.63 -24.94 6.42
N LYS A 556 38.53 -24.50 5.54
CA LYS A 556 38.12 -23.78 4.34
C LYS A 556 37.26 -24.65 3.44
N ARG A 557 37.59 -25.95 3.33
CA ARG A 557 36.76 -26.91 2.59
C ARG A 557 35.34 -27.04 3.19
N LEU A 558 35.28 -27.14 4.52
CA LEU A 558 34.00 -27.26 5.21
C LEU A 558 33.15 -26.03 4.91
N HIS A 559 33.76 -24.84 4.99
CA HIS A 559 33.06 -23.56 4.78
C HIS A 559 32.53 -23.44 3.35
N THR A 560 33.31 -23.90 2.38
CA THR A 560 32.85 -23.89 0.98
C THR A 560 31.76 -24.94 0.75
N LYS A 561 31.64 -25.94 1.64
CA LYS A 561 30.57 -26.95 1.53
C LYS A 561 29.32 -26.61 2.36
N GLY A 562 29.32 -25.46 3.02
CA GLY A 562 28.13 -24.97 3.69
C GLY A 562 28.12 -25.16 5.19
N SER A 563 29.29 -25.40 5.80
CA SER A 563 29.34 -25.68 7.26
C SER A 563 28.80 -24.54 8.15
N THR A 564 28.85 -23.31 7.66
CA THR A 564 28.34 -22.18 8.47
C THR A 564 27.00 -21.71 7.94
N LYS A 565 26.42 -22.48 7.02
CA LYS A 565 25.22 -21.99 6.31
C LYS A 565 24.05 -21.72 7.27
N GLU A 566 23.99 -22.46 8.38
CA GLU A 566 22.85 -22.33 9.29
C GLU A 566 22.97 -21.00 10.07
N ARG A 567 24.17 -20.46 10.14
CA ARG A 567 24.38 -19.18 10.79
C ARG A 567 23.94 -18.05 9.85
N HIS A 568 24.17 -18.22 8.56
CA HIS A 568 24.00 -17.07 7.63
C HIS A 568 22.73 -17.11 6.80
N LEU A 569 22.14 -18.28 6.71
CA LEU A 569 20.89 -18.44 5.99
C LEU A 569 19.88 -18.91 7.04
N LEU A 570 19.24 -17.96 7.72
CA LEU A 570 18.41 -18.27 8.90
C LEU A 570 16.99 -18.76 8.64
N TYR A 571 16.42 -18.44 7.48
CA TYR A 571 15.02 -18.70 7.20
C TYR A 571 14.87 -19.57 5.96
N GLY A 572 15.90 -20.37 5.65
CA GLY A 572 15.86 -21.19 4.44
C GLY A 572 16.40 -20.40 3.25
N ARG A 573 16.75 -21.09 2.19
CA ARG A 573 17.08 -20.34 0.98
C ARG A 573 15.83 -19.79 0.32
N PRO A 574 15.91 -18.58 -0.25
CA PRO A 574 14.77 -18.04 -1.00
C PRO A 574 14.40 -19.01 -2.12
N ALA A 575 13.13 -19.13 -2.45
CA ALA A 575 12.76 -19.98 -3.59
C ALA A 575 12.74 -19.14 -4.87
N VAL A 576 13.25 -19.70 -5.98
CA VAL A 576 13.21 -19.03 -7.30
C VAL A 576 11.95 -19.44 -8.02
N LEU A 577 11.04 -18.48 -8.25
CA LEU A 577 9.72 -18.78 -8.75
C LEU A 577 9.64 -18.54 -10.25
N TYR A 578 10.76 -18.57 -10.94
CA TYR A 578 10.67 -18.54 -12.39
C TYR A 578 11.77 -19.44 -12.94
N ARG A 579 11.73 -19.73 -14.23
CA ARG A 579 12.72 -20.63 -14.86
C ARG A 579 14.07 -19.93 -15.10
N THR A 580 15.13 -20.42 -14.47
CA THR A 580 16.44 -19.80 -14.65
C THR A 580 17.57 -20.76 -14.27
N SER A 581 18.81 -20.37 -14.47
CA SER A 581 19.92 -21.22 -14.14
C SER A 581 20.77 -20.50 -13.10
N TYR A 582 20.91 -21.08 -11.90
CA TYR A 582 21.65 -20.43 -10.83
C TYR A 582 22.36 -21.41 -9.89
N ASP A 583 23.37 -20.91 -9.19
CA ASP A 583 24.16 -21.73 -8.33
C ASP A 583 24.12 -21.23 -6.93
N ILE A 584 24.04 -22.14 -5.98
CA ILE A 584 24.33 -21.75 -4.59
C ILE A 584 25.83 -21.78 -4.29
N LEU A 585 26.35 -20.71 -3.71
CA LEU A 585 27.75 -20.57 -3.35
C LEU A 585 27.86 -20.35 -1.84
N TYR A 586 28.60 -21.23 -1.15
CA TYR A 586 28.76 -21.07 0.29
C TYR A 586 30.09 -20.44 0.61
N HIS A 587 30.15 -19.68 1.69
CA HIS A 587 31.39 -19.08 2.19
C HIS A 587 31.32 -19.01 3.69
N THR A 588 32.46 -18.77 4.30
CA THR A 588 32.51 -18.60 5.75
C THR A 588 31.46 -17.65 6.32
N ASP A 589 31.38 -16.46 5.69
CA ASP A 589 30.62 -15.33 6.18
C ASP A 589 29.27 -15.06 5.47
N PHE A 590 29.03 -15.72 4.35
CA PHE A 590 27.82 -15.46 3.59
C PHE A 590 27.54 -16.58 2.60
N GLU A 591 26.30 -16.64 2.16
CA GLU A 591 25.82 -17.63 1.17
CA GLU A 591 25.87 -17.62 1.16
C GLU A 591 25.11 -16.84 0.08
N SER A 592 25.17 -17.29 -1.17
CA SER A 592 24.53 -16.55 -2.24
C SER A 592 23.87 -17.50 -3.26
N GLY A 593 22.88 -16.98 -4.00
CA GLY A 593 22.29 -17.64 -5.13
C GLY A 593 22.77 -16.88 -6.33
N TYR A 594 23.68 -17.47 -7.10
CA TYR A 594 24.38 -16.73 -8.18
C TYR A 594 23.78 -17.05 -9.55
N SER A 595 23.32 -16.03 -10.27
CA SER A 595 22.61 -16.27 -11.54
C SER A 595 23.61 -16.37 -12.67
N GLU A 596 23.60 -17.49 -13.40
CA GLU A 596 24.45 -17.64 -14.58
C GLU A 596 23.97 -16.78 -15.73
N ILE A 597 22.72 -16.33 -15.67
CA ILE A 597 22.13 -15.52 -16.75
C ILE A 597 22.45 -14.02 -16.55
N PHE A 598 22.28 -13.52 -15.33
CA PHE A 598 22.52 -12.10 -15.05
C PHE A 598 23.96 -11.83 -14.60
N LEU A 599 24.77 -12.90 -14.46
CA LEU A 599 26.19 -12.85 -14.00
C LEU A 599 26.43 -12.23 -12.62
N MET A 600 25.46 -12.34 -11.71
CA MET A 600 25.65 -11.80 -10.40
C MET A 600 24.64 -12.51 -9.47
N PRO A 601 24.80 -12.35 -8.15
CA PRO A 601 23.80 -12.98 -7.30
C PRO A 601 22.40 -12.37 -7.47
N LEU A 602 21.41 -13.25 -7.34
CA LEU A 602 20.01 -12.84 -7.20
C LEU A 602 19.78 -12.41 -5.74
N TRP A 603 20.56 -13.01 -4.86
CA TRP A 603 20.48 -12.75 -3.42
C TRP A 603 21.78 -13.17 -2.76
N THR A 604 22.07 -12.51 -1.65
CA THR A 604 23.27 -12.75 -0.84
C THR A 604 22.79 -12.65 0.60
N SER A 605 23.03 -13.71 1.40
CA SER A 605 22.51 -13.79 2.77
C SER A 605 23.63 -13.90 3.81
N TYR A 606 23.57 -13.09 4.86
CA TYR A 606 24.62 -13.11 5.87
C TYR A 606 24.11 -12.59 7.18
N THR A 607 24.67 -13.11 8.27
CA THR A 607 24.22 -12.67 9.59
C THR A 607 25.39 -11.95 10.30
N ILE A 608 25.06 -10.84 10.97
CA ILE A 608 26.01 -9.98 11.69
C ILE A 608 25.52 -9.95 13.15
N SER A 609 26.30 -10.53 14.05
CA SER A 609 25.90 -10.53 15.46
C SER A 609 26.17 -9.15 16.10
N LYS A 610 25.52 -8.91 17.27
CA LYS A 610 25.76 -7.71 18.05
C LYS A 610 27.26 -7.52 18.31
N GLN A 611 27.99 -8.63 18.45
CA GLN A 611 29.42 -8.62 18.79
C GLN A 611 30.37 -8.38 17.59
N ALA A 612 29.86 -8.47 16.36
CA ALA A 612 30.73 -8.39 15.16
C ALA A 612 31.54 -7.11 15.13
N GLU A 613 32.74 -7.20 14.59
CA GLU A 613 33.57 -6.02 14.40
C GLU A 613 33.67 -5.60 12.92
N VAL A 614 33.72 -4.30 12.72
CA VAL A 614 33.93 -3.67 11.42
C VAL A 614 35.43 -3.52 11.23
N SER A 615 35.92 -3.93 10.07
CA SER A 615 37.32 -3.71 9.72
C SER A 615 37.36 -2.93 8.41
N SER A 616 38.55 -2.47 8.03
CA SER A 616 38.71 -1.70 6.81
C SER A 616 39.05 -2.67 5.66
N ILE A 617 39.04 -2.17 4.45
CA ILE A 617 39.60 -2.94 3.36
C ILE A 617 41.13 -2.66 3.38
N PRO A 618 41.97 -3.68 3.65
CA PRO A 618 43.42 -3.43 3.63
C PRO A 618 43.88 -2.76 2.33
N GLU A 619 44.87 -1.87 2.47
CA GLU A 619 45.46 -1.14 1.33
C GLU A 619 45.79 -2.00 0.11
N HIS A 620 46.45 -3.13 0.34
CA HIS A 620 46.89 -3.99 -0.75
C HIS A 620 45.71 -4.71 -1.45
N LEU A 621 44.54 -4.70 -0.82
CA LEU A 621 43.35 -5.36 -1.41
C LEU A 621 42.34 -4.38 -2.04
N THR A 622 42.70 -3.10 -2.13
CA THR A 622 41.77 -2.04 -2.58
C THR A 622 41.11 -2.35 -3.93
N ASN A 623 41.89 -2.85 -4.87
CA ASN A 623 41.36 -3.15 -6.20
C ASN A 623 41.28 -4.65 -6.48
N CYS A 624 41.31 -5.45 -5.43
CA CYS A 624 41.37 -6.90 -5.62
C CYS A 624 40.01 -7.44 -6.10
N VAL A 625 40.02 -8.20 -7.20
CA VAL A 625 38.89 -9.05 -7.63
C VAL A 625 39.44 -10.41 -7.99
N ARG A 626 38.80 -11.48 -7.50
CA ARG A 626 39.36 -12.84 -7.55
C ARG A 626 38.40 -13.73 -8.34
N PRO A 627 38.93 -14.41 -9.37
CA PRO A 627 38.11 -15.45 -10.02
C PRO A 627 37.55 -16.46 -9.03
N ASP A 628 36.35 -16.93 -9.30
CA ASP A 628 35.71 -17.95 -8.48
C ASP A 628 35.81 -19.27 -9.22
N VAL A 629 36.62 -20.17 -8.68
CA VAL A 629 36.96 -21.41 -9.38
C VAL A 629 35.78 -22.42 -9.39
N ARG A 630 34.65 -22.06 -8.76
CA ARG A 630 33.40 -22.84 -8.86
C ARG A 630 32.56 -22.46 -10.09
N VAL A 631 32.88 -21.34 -10.72
CA VAL A 631 31.99 -20.73 -11.72
C VAL A 631 32.77 -20.40 -13.00
N SER A 632 32.25 -20.81 -14.15
CA SER A 632 33.03 -20.73 -15.39
C SER A 632 33.38 -19.28 -15.78
N PRO A 633 34.54 -19.10 -16.47
CA PRO A 633 34.87 -17.78 -17.01
C PRO A 633 33.68 -17.23 -17.77
N GLY A 634 33.03 -18.08 -18.56
CA GLY A 634 31.91 -17.66 -19.41
C GLY A 634 30.66 -17.19 -18.64
N PHE A 635 30.53 -17.60 -17.38
CA PHE A 635 29.41 -17.16 -16.52
C PHE A 635 29.87 -16.19 -15.45
N SER A 636 30.99 -15.52 -15.70
CA SER A 636 31.56 -14.54 -14.73
C SER A 636 31.56 -13.15 -15.30
N GLN A 637 31.52 -12.14 -14.42
CA GLN A 637 31.81 -10.76 -14.84
C GLN A 637 33.33 -10.64 -15.17
N ASN A 638 33.77 -9.51 -15.72
CA ASN A 638 35.20 -9.28 -15.94
C ASN A 638 35.53 -7.86 -15.57
N CYS A 639 36.75 -7.62 -15.11
CA CYS A 639 37.19 -6.32 -14.64
C CYS A 639 37.44 -5.34 -15.78
N LEU A 640 37.78 -5.86 -16.94
CA LEU A 640 38.06 -4.99 -18.10
C LEU A 640 36.84 -4.16 -18.48
N ALA A 641 35.65 -4.76 -18.45
CA ALA A 641 34.42 -4.00 -18.77
C ALA A 641 34.29 -2.80 -17.83
N TYR A 642 34.56 -3.00 -16.54
CA TYR A 642 34.48 -1.90 -15.59
C TYR A 642 35.54 -0.86 -15.86
N LYS A 643 36.75 -1.28 -16.18
CA LYS A 643 37.82 -0.33 -16.56
C LYS A 643 37.41 0.48 -17.78
N ASN A 644 36.91 -0.18 -18.83
CA ASN A 644 36.48 0.52 -20.05
C ASN A 644 35.24 1.40 -19.88
N ASP A 645 34.32 1.01 -19.00
CA ASP A 645 33.07 1.78 -18.78
C ASP A 645 33.39 2.95 -17.87
N LYS A 646 33.53 4.13 -18.47
CA LYS A 646 33.94 5.31 -17.71
C LYS A 646 32.90 5.82 -16.69
N GLN A 647 31.63 5.46 -16.87
CA GLN A 647 30.53 5.80 -15.94
C GLN A 647 30.31 4.79 -14.79
N MET A 648 30.64 3.53 -15.03
CA MET A 648 30.23 2.45 -14.12
C MET A 648 31.40 1.92 -13.32
N SER A 649 31.22 1.75 -12.01
CA SER A 649 32.19 1.07 -11.18
C SER A 649 31.50 -0.21 -10.62
N TYR A 650 31.94 -0.70 -9.47
CA TYR A 650 31.41 -1.95 -8.93
C TYR A 650 31.48 -1.89 -7.42
N GLY A 651 30.59 -2.68 -6.80
CA GLY A 651 30.51 -2.84 -5.36
C GLY A 651 30.38 -4.32 -5.08
N PHE A 652 30.27 -4.67 -3.80
CA PHE A 652 30.13 -6.04 -3.37
C PHE A 652 28.84 -6.18 -2.59
N LEU A 653 28.20 -7.34 -2.75
CA LEU A 653 26.97 -7.60 -2.02
C LEU A 653 27.22 -7.95 -0.55
N PHE A 654 28.04 -8.96 -0.28
CA PHE A 654 28.54 -9.16 1.09
C PHE A 654 29.66 -8.13 1.32
N PRO A 655 29.57 -7.33 2.41
CA PRO A 655 30.54 -6.24 2.55
C PRO A 655 31.92 -6.76 3.09
N PRO A 656 33.00 -6.44 2.41
CA PRO A 656 34.33 -6.83 2.92
C PRO A 656 34.59 -6.26 4.32
N TYR A 657 33.95 -5.13 4.69
CA TYR A 657 34.13 -4.56 6.04
C TYR A 657 33.68 -5.44 7.15
N LEU A 658 32.82 -6.41 6.88
CA LEU A 658 32.26 -7.23 7.96
C LEU A 658 32.78 -8.66 7.96
N SER A 659 33.89 -8.86 7.25
CA SER A 659 34.52 -10.17 7.21
C SER A 659 34.85 -10.66 8.63
N SER A 660 34.74 -11.96 8.89
CA SER A 660 34.95 -12.49 10.24
C SER A 660 36.45 -12.59 10.58
N SER A 661 37.32 -12.56 9.58
CA SER A 661 38.78 -12.69 9.78
C SER A 661 39.48 -12.22 8.54
N PRO A 662 40.77 -11.84 8.67
CA PRO A 662 41.57 -11.48 7.51
C PRO A 662 41.52 -12.52 6.41
N GLU A 663 41.59 -13.80 6.75
CA GLU A 663 41.51 -14.81 5.70
C GLU A 663 40.10 -14.91 5.05
N ALA A 664 39.04 -14.81 5.86
CA ALA A 664 37.70 -14.88 5.28
C ALA A 664 37.46 -13.70 4.32
N LYS A 665 38.15 -12.57 4.60
CA LYS A 665 37.96 -11.39 3.79
C LYS A 665 38.18 -11.61 2.30
N TYR A 666 39.06 -12.54 1.92
CA TYR A 666 39.35 -12.81 0.53
C TYR A 666 38.12 -13.26 -0.26
N ASP A 667 37.21 -13.97 0.44
CA ASP A 667 35.94 -14.46 -0.13
C ASP A 667 35.09 -13.28 -0.64
N ALA A 668 35.12 -12.18 0.11
CA ALA A 668 34.33 -10.99 -0.23
C ALA A 668 34.79 -10.33 -1.54
N PHE A 669 36.01 -10.62 -1.97
CA PHE A 669 36.50 -10.08 -3.24
C PHE A 669 36.30 -10.99 -4.44
N LEU A 670 35.58 -12.08 -4.25
CA LEU A 670 35.24 -12.93 -5.40
C LEU A 670 34.43 -12.19 -6.47
N VAL A 671 34.73 -12.54 -7.70
CA VAL A 671 34.07 -11.94 -8.86
C VAL A 671 32.58 -12.22 -8.78
N THR A 672 32.24 -13.30 -8.07
CA THR A 672 30.83 -13.71 -7.94
C THR A 672 30.08 -12.94 -6.85
N ASN A 673 30.77 -12.07 -6.11
CA ASN A 673 30.11 -11.22 -5.07
C ASN A 673 30.04 -9.77 -5.57
N MET A 674 30.53 -9.52 -6.79
CA MET A 674 30.61 -8.15 -7.36
C MET A 674 29.37 -7.77 -8.16
N VAL A 675 29.00 -6.49 -8.13
CA VAL A 675 27.81 -6.03 -8.81
C VAL A 675 28.10 -4.64 -9.36
N PRO A 676 27.42 -4.27 -10.44
CA PRO A 676 27.84 -2.95 -10.96
C PRO A 676 27.21 -1.81 -10.20
N MET A 677 28.03 -0.78 -9.93
CA MET A 677 27.59 0.40 -9.20
C MET A 677 28.16 1.71 -9.73
N TYR A 678 27.26 2.66 -9.97
CA TYR A 678 27.70 4.03 -10.22
C TYR A 678 28.46 4.56 -9.03
N PRO A 679 29.58 5.29 -9.26
CA PRO A 679 30.29 5.91 -8.17
C PRO A 679 29.38 6.69 -7.21
N ALA A 680 28.37 7.39 -7.73
CA ALA A 680 27.50 8.16 -6.84
C ALA A 680 26.74 7.24 -5.91
N PHE A 681 26.31 6.11 -6.45
CA PHE A 681 25.62 5.12 -5.62
C PHE A 681 26.55 4.42 -4.65
N LYS A 682 27.81 4.24 -5.03
CA LYS A 682 28.74 3.58 -4.10
C LYS A 682 28.93 4.38 -2.84
N ARG A 683 28.80 5.70 -2.91
CA ARG A 683 28.77 6.50 -1.67
C ARG A 683 27.68 6.03 -0.69
N VAL A 684 26.47 5.81 -1.22
CA VAL A 684 25.33 5.31 -0.43
C VAL A 684 25.59 3.90 0.12
N TRP A 685 25.94 3.01 -0.80
CA TRP A 685 26.15 1.59 -0.51
C TRP A 685 27.27 1.35 0.53
N ALA A 686 28.41 2.02 0.35
CA ALA A 686 29.54 1.86 1.25
C ALA A 686 29.17 2.36 2.66
N TYR A 687 28.41 3.44 2.74
CA TYR A 687 28.00 3.90 4.06
C TYR A 687 27.00 2.94 4.73
N PHE A 688 26.02 2.45 3.97
CA PHE A 688 25.15 1.37 4.45
C PHE A 688 25.94 0.17 5.00
N GLN A 689 26.88 -0.32 4.19
CA GLN A 689 27.66 -1.53 4.57
C GLN A 689 28.68 -1.32 5.73
N ARG A 690 29.37 -0.18 5.72
CA ARG A 690 30.44 0.11 6.68
C ARG A 690 29.90 0.59 8.02
N VAL A 691 28.82 1.39 7.98
CA VAL A 691 28.31 2.01 9.19
C VAL A 691 26.94 1.47 9.61
N LEU A 692 25.99 1.45 8.69
CA LEU A 692 24.64 1.11 9.09
C LEU A 692 24.36 -0.33 9.46
N VAL A 693 24.95 -1.29 8.76
CA VAL A 693 24.65 -2.68 9.13
C VAL A 693 25.07 -2.90 10.59
N LYS A 694 26.31 -2.52 10.93
CA LYS A 694 26.78 -2.72 12.32
C LYS A 694 25.86 -1.99 13.32
N LYS A 695 25.50 -0.76 13.00
CA LYS A 695 24.52 -0.02 13.84
C LYS A 695 23.24 -0.81 14.06
N TYR A 696 22.65 -1.37 12.99
CA TYR A 696 21.43 -2.17 13.18
C TYR A 696 21.72 -3.41 14.04
N ALA A 697 22.88 -4.04 13.86
CA ALA A 697 23.10 -5.28 14.60
C ALA A 697 23.25 -4.91 16.09
N SER A 698 23.84 -3.76 16.36
CA SER A 698 23.95 -3.27 17.74
C SER A 698 22.59 -3.04 18.37
N GLU A 699 21.73 -2.32 17.66
CA GLU A 699 20.42 -1.92 18.15
C GLU A 699 19.44 -3.09 18.23
N ARG A 700 19.57 -4.09 17.34
CA ARG A 700 18.54 -5.13 17.17
C ARG A 700 18.99 -6.46 17.75
N ASN A 701 20.21 -6.45 18.30
CA ASN A 701 20.83 -7.68 18.83
C ASN A 701 21.13 -8.72 17.71
N GLY A 702 21.92 -8.28 16.74
CA GLY A 702 22.23 -9.09 15.57
C GLY A 702 21.18 -8.81 14.50
N VAL A 703 21.60 -8.91 13.24
CA VAL A 703 20.66 -8.90 12.10
C VAL A 703 21.09 -9.93 11.06
N ASN A 704 20.12 -10.49 10.36
CA ASN A 704 20.38 -11.26 9.19
C ASN A 704 20.06 -10.32 8.02
N VAL A 705 20.97 -10.25 7.06
CA VAL A 705 20.80 -9.38 5.87
C VAL A 705 20.72 -10.22 4.60
N ILE A 706 19.71 -9.94 3.74
CA ILE A 706 19.68 -10.47 2.38
C ILE A 706 19.70 -9.27 1.45
N SER A 707 20.67 -9.21 0.56
CA SER A 707 20.80 -8.07 -0.35
C SER A 707 20.86 -8.59 -1.75
N GLY A 708 20.55 -7.73 -2.71
CA GLY A 708 20.64 -8.20 -4.10
C GLY A 708 20.26 -7.08 -5.07
N PRO A 709 20.34 -7.36 -6.36
CA PRO A 709 19.99 -6.41 -7.38
C PRO A 709 18.51 -6.54 -7.73
N ILE A 710 17.95 -5.47 -8.28
CA ILE A 710 16.61 -5.49 -8.90
C ILE A 710 16.68 -4.85 -10.29
N PHE A 711 15.97 -5.45 -11.24
CA PHE A 711 15.89 -4.89 -12.60
C PHE A 711 14.44 -4.63 -12.92
N ASP A 712 14.06 -3.35 -13.00
CA ASP A 712 12.70 -3.02 -13.34
C ASP A 712 12.70 -1.85 -14.33
N TYR A 713 13.21 -2.14 -15.53
CA TYR A 713 13.35 -1.07 -16.49
C TYR A 713 12.01 -0.58 -17.08
N ASN A 714 10.96 -1.41 -17.05
CA ASN A 714 9.60 -0.93 -17.50
C ASN A 714 8.69 -0.48 -16.35
N TYR A 715 9.31 -0.27 -15.19
CA TYR A 715 8.68 0.26 -13.98
C TYR A 715 7.28 -0.32 -13.71
N ASP A 716 7.15 -1.64 -13.84
CA ASP A 716 5.83 -2.26 -13.60
C ASP A 716 5.78 -2.93 -12.22
N GLY A 717 6.86 -2.77 -11.46
CA GLY A 717 6.96 -3.39 -10.11
C GLY A 717 7.27 -4.87 -10.16
N LEU A 718 7.53 -5.41 -11.35
CA LEU A 718 7.76 -6.86 -11.50
C LEU A 718 9.12 -7.14 -12.10
N ARG A 719 9.75 -8.22 -11.66
CA ARG A 719 11.03 -8.70 -12.18
C ARG A 719 11.11 -8.61 -13.71
N ASP A 720 12.13 -7.96 -14.23
CA ASP A 720 12.34 -7.93 -15.68
C ASP A 720 12.89 -9.27 -16.18
N THR A 721 12.49 -9.65 -17.39
CA THR A 721 13.21 -10.71 -18.08
C THR A 721 14.46 -10.07 -18.76
N GLU A 722 15.41 -10.88 -19.24
CA GLU A 722 16.66 -10.33 -19.82
C GLU A 722 16.41 -9.41 -20.96
N ASP A 723 15.34 -9.67 -21.70
CA ASP A 723 15.10 -8.86 -22.89
C ASP A 723 14.49 -7.51 -22.64
N GLU A 724 14.26 -7.19 -21.36
CA GLU A 724 13.75 -5.86 -20.92
C GLU A 724 14.85 -4.91 -20.44
N ILE A 725 16.08 -5.44 -20.30
CA ILE A 725 17.20 -4.69 -19.70
C ILE A 725 17.68 -3.62 -20.66
N LYS A 726 17.63 -2.36 -20.26
CA LYS A 726 17.99 -1.29 -21.20
C LYS A 726 19.44 -0.83 -21.09
N GLN A 727 20.21 -1.34 -20.12
CA GLN A 727 21.58 -0.87 -19.94
CA GLN A 727 21.58 -0.86 -19.92
C GLN A 727 22.49 -1.97 -19.41
N TYR A 728 23.67 -2.08 -20.02
CA TYR A 728 24.69 -3.06 -19.68
C TYR A 728 25.99 -2.31 -19.38
N VAL A 729 26.87 -2.91 -18.59
CA VAL A 729 28.21 -2.36 -18.39
C VAL A 729 28.84 -2.38 -19.80
N GLU A 730 29.41 -1.25 -20.20
CA GLU A 730 29.90 -1.04 -21.57
C GLU A 730 30.71 -2.20 -22.12
N GLY A 731 30.28 -2.73 -23.27
CA GLY A 731 31.06 -3.73 -23.97
C GLY A 731 30.86 -5.11 -23.41
N SER A 732 29.86 -5.32 -22.56
CA SER A 732 29.66 -6.64 -21.95
C SER A 732 28.21 -7.00 -21.92
N SER A 733 27.91 -8.19 -21.40
CA SER A 733 26.55 -8.65 -21.13
C SER A 733 26.20 -8.58 -19.62
N ILE A 734 26.91 -7.75 -18.87
CA ILE A 734 26.65 -7.56 -17.40
C ILE A 734 25.47 -6.55 -17.34
N PRO A 735 24.30 -6.99 -16.88
CA PRO A 735 23.16 -6.05 -16.87
C PRO A 735 23.25 -5.05 -15.69
N VAL A 736 22.73 -3.83 -15.84
CA VAL A 736 22.85 -2.89 -14.76
C VAL A 736 21.51 -2.85 -14.03
N PRO A 737 21.55 -3.08 -12.70
CA PRO A 737 20.35 -3.06 -11.87
C PRO A 737 19.77 -1.63 -11.84
N THR A 738 18.43 -1.53 -11.82
CA THR A 738 17.76 -0.25 -11.57
C THR A 738 17.73 0.05 -10.06
N HIS A 739 17.82 -0.99 -9.23
CA HIS A 739 17.72 -0.81 -7.78
C HIS A 739 18.56 -1.86 -7.05
N TYR A 740 18.91 -1.60 -5.78
CA TYR A 740 19.49 -2.63 -4.90
C TYR A 740 18.64 -2.74 -3.64
N TYR A 741 18.31 -3.97 -3.22
CA TYR A 741 17.47 -4.17 -2.03
C TYR A 741 18.27 -4.75 -0.88
N SER A 742 17.75 -4.56 0.33
CA SER A 742 18.22 -5.34 1.47
C SER A 742 17.02 -5.64 2.33
N ILE A 743 17.00 -6.86 2.86
CA ILE A 743 16.00 -7.30 3.83
C ILE A 743 16.73 -7.61 5.12
N ILE A 744 16.31 -6.95 6.19
CA ILE A 744 17.11 -6.98 7.44
C ILE A 744 16.21 -7.51 8.54
N THR A 745 16.50 -8.74 8.99
CA THR A 745 15.58 -9.48 9.87
C THR A 745 16.28 -9.71 11.20
N SER A 746 15.49 -9.63 12.27
CA SER A 746 16.00 -9.96 13.59
C SER A 746 14.84 -10.52 14.43
N CYS A 747 15.11 -10.76 15.72
CA CYS A 747 14.10 -11.31 16.60
C CYS A 747 13.21 -10.19 17.14
N LEU A 748 11.88 -10.36 17.14
CA LEU A 748 11.00 -9.28 17.64
C LEU A 748 11.32 -9.07 19.13
N ASP A 749 11.59 -10.16 19.81
CA ASP A 749 12.07 -10.08 21.22
C ASP A 749 13.59 -9.92 21.16
N PHE A 750 14.03 -8.68 21.23
CA PHE A 750 15.42 -8.33 21.05
C PHE A 750 16.35 -8.77 22.19
N THR A 751 15.81 -9.44 23.22
CA THR A 751 16.64 -10.10 24.21
C THR A 751 17.24 -11.35 23.63
N GLN A 752 16.72 -11.81 22.49
CA GLN A 752 17.28 -12.96 21.82
C GLN A 752 18.06 -12.49 20.58
N PRO A 753 19.25 -13.07 20.35
CA PRO A 753 20.06 -12.75 19.19
C PRO A 753 19.36 -13.20 17.92
N ALA A 754 19.67 -12.53 16.81
CA ALA A 754 18.98 -12.80 15.56
C ALA A 754 19.11 -14.28 15.21
N ASP A 755 20.28 -14.85 15.46
CA ASP A 755 20.50 -16.26 15.10
C ASP A 755 20.03 -17.32 16.12
N LYS A 756 19.36 -16.91 17.18
CA LYS A 756 18.80 -17.85 18.17
C LYS A 756 17.46 -17.35 18.65
N CYS A 757 16.56 -17.13 17.70
CA CYS A 757 15.31 -16.48 17.99
C CYS A 757 14.22 -17.54 18.06
N ASP A 758 13.45 -17.57 19.14
CA ASP A 758 12.46 -18.63 19.32
C ASP A 758 11.08 -18.29 18.79
N GLY A 759 10.79 -17.03 18.52
CA GLY A 759 9.43 -16.64 18.19
C GLY A 759 9.34 -15.68 17.01
N PRO A 760 8.40 -14.72 17.09
CA PRO A 760 8.18 -13.81 15.96
C PRO A 760 9.39 -12.99 15.53
N LEU A 761 9.42 -12.64 14.24
CA LEU A 761 10.53 -11.89 13.67
C LEU A 761 10.18 -10.41 13.57
N SER A 762 11.20 -9.60 13.35
CA SER A 762 11.03 -8.19 13.06
C SER A 762 11.84 -7.90 11.77
N VAL A 763 11.31 -7.07 10.88
CA VAL A 763 12.01 -6.88 9.61
C VAL A 763 11.95 -5.40 9.21
N SER A 764 13.01 -4.90 8.59
CA SER A 764 12.92 -3.67 7.79
C SER A 764 13.63 -3.93 6.49
N SER A 765 13.17 -3.24 5.44
CA SER A 765 13.75 -3.49 4.11
C SER A 765 13.77 -2.22 3.33
N PHE A 766 14.60 -2.18 2.30
CA PHE A 766 14.63 -1.02 1.42
C PHE A 766 14.90 -1.44 -0.01
N ILE A 767 14.51 -0.57 -0.95
CA ILE A 767 14.76 -0.80 -2.36
C ILE A 767 15.37 0.54 -2.83
N LEU A 768 16.67 0.60 -2.89
CA LEU A 768 17.33 1.89 -3.17
C LEU A 768 17.48 2.02 -4.67
N PRO A 769 17.13 3.20 -5.24
CA PRO A 769 17.33 3.46 -6.66
C PRO A 769 18.83 3.53 -6.98
N HIS A 770 19.22 2.81 -8.03
CA HIS A 770 20.62 2.75 -8.42
C HIS A 770 20.87 3.91 -9.41
N ARG A 771 21.11 5.10 -8.87
CA ARG A 771 21.21 6.32 -9.72
C ARG A 771 22.64 6.79 -9.91
N PRO A 772 22.95 7.35 -11.08
CA PRO A 772 24.30 7.84 -11.36
C PRO A 772 24.63 9.19 -10.73
N ASP A 773 23.68 9.81 -10.05
CA ASP A 773 23.90 11.06 -9.32
C ASP A 773 23.12 10.96 -8.04
N ASN A 774 23.37 11.87 -7.11
CA ASN A 774 22.62 11.94 -5.90
C ASN A 774 21.78 13.20 -5.87
N ASP A 775 21.25 13.56 -7.03
CA ASP A 775 20.40 14.76 -7.14
C ASP A 775 19.16 14.71 -6.23
N GLU A 776 18.67 13.50 -5.97
CA GLU A 776 17.53 13.33 -5.07
C GLU A 776 17.82 13.84 -3.66
N SER A 777 19.08 13.74 -3.22
CA SER A 777 19.45 14.16 -1.88
C SER A 777 20.13 15.55 -1.92
N CYS A 778 19.39 16.59 -1.50
CA CYS A 778 19.86 17.97 -1.67
C CYS A 778 21.11 18.26 -0.84
N ASN A 779 21.32 17.46 0.20
CA ASN A 779 22.49 17.59 1.09
CA ASN A 779 22.45 17.58 1.11
C ASN A 779 23.61 16.64 0.79
N SER A 780 23.63 16.07 -0.43
CA SER A 780 24.61 14.99 -0.72
C SER A 780 26.07 15.43 -0.84
N SER A 781 26.33 16.73 -0.91
CA SER A 781 27.76 17.12 -0.90
C SER A 781 28.32 17.04 0.53
N GLU A 782 27.44 16.91 1.52
CA GLU A 782 27.87 16.67 2.89
C GLU A 782 28.29 15.21 3.14
N ASP A 783 28.80 14.95 4.33
CA ASP A 783 29.20 13.62 4.72
C ASP A 783 27.94 12.74 4.73
N GLU A 784 28.10 11.53 4.22
CA GLU A 784 27.07 10.48 4.23
C GLU A 784 26.25 10.40 5.53
N SER A 785 26.86 10.70 6.68
CA SER A 785 26.13 10.70 7.96
C SER A 785 24.98 11.73 8.01
N LYS A 786 24.91 12.61 7.03
CA LYS A 786 23.87 13.65 7.06
C LYS A 786 22.75 13.44 6.07
N TRP A 787 22.89 12.44 5.21
CA TRP A 787 21.94 12.27 4.15
C TRP A 787 21.62 10.81 3.74
N VAL A 788 22.52 9.86 4.02
CA VAL A 788 22.31 8.53 3.42
C VAL A 788 21.16 7.82 4.13
N GLU A 789 21.14 7.86 5.45
CA GLU A 789 20.11 7.10 6.14
C GLU A 789 18.72 7.67 5.83
N GLU A 790 18.66 9.00 5.66
CA GLU A 790 17.43 9.70 5.23
C GLU A 790 16.94 9.19 3.85
N LEU A 791 17.86 9.08 2.90
CA LEU A 791 17.53 8.47 1.63
C LEU A 791 16.99 7.05 1.80
N MET A 792 17.69 6.23 2.57
CA MET A 792 17.27 4.85 2.75
C MET A 792 15.87 4.76 3.33
N LYS A 793 15.58 5.60 4.35
CA LYS A 793 14.26 5.67 4.97
C LYS A 793 13.17 6.01 3.95
N MET A 794 13.44 6.93 3.02
CA MET A 794 12.49 7.32 1.99
C MET A 794 12.14 6.13 1.10
N HIS A 795 13.10 5.23 0.94
CA HIS A 795 12.95 4.05 0.07
C HIS A 795 12.77 2.73 0.83
N THR A 796 12.19 2.87 2.02
CA THR A 796 11.75 1.74 2.81
C THR A 796 10.76 0.89 1.97
N ALA A 797 10.72 -0.40 2.23
CA ALA A 797 9.90 -1.29 1.38
C ALA A 797 9.37 -2.48 2.18
N ARG A 798 8.35 -3.13 1.65
CA ARG A 798 7.89 -4.40 2.24
C ARG A 798 8.68 -5.50 1.58
N VAL A 799 8.82 -6.60 2.30
CA VAL A 799 9.44 -7.78 1.70
C VAL A 799 8.64 -8.15 0.46
N ARG A 800 7.32 -8.00 0.51
CA ARG A 800 6.50 -8.44 -0.64
C ARG A 800 6.84 -7.61 -1.92
N ASP A 801 7.23 -6.35 -1.71
CA ASP A 801 7.56 -5.48 -2.87
C ASP A 801 8.81 -6.06 -3.56
N ILE A 802 9.74 -6.53 -2.75
CA ILE A 802 10.98 -7.13 -3.24
C ILE A 802 10.70 -8.46 -3.90
N GLU A 803 9.77 -9.23 -3.32
CA GLU A 803 9.35 -10.49 -3.96
C GLU A 803 8.84 -10.26 -5.39
N HIS A 804 7.94 -9.29 -5.54
CA HIS A 804 7.42 -8.97 -6.91
C HIS A 804 8.57 -8.62 -7.85
N LEU A 805 9.50 -7.80 -7.35
CA LEU A 805 10.57 -7.25 -8.16
C LEU A 805 11.66 -8.24 -8.52
N THR A 806 11.72 -9.34 -7.77
CA THR A 806 12.81 -10.34 -7.97
C THR A 806 12.33 -11.73 -8.37
N GLY A 807 11.05 -12.08 -8.17
CA GLY A 807 10.56 -13.48 -8.44
C GLY A 807 11.13 -14.42 -7.40
N LEU A 808 11.54 -13.89 -6.23
CA LEU A 808 12.00 -14.75 -5.10
C LEU A 808 10.91 -14.84 -4.02
N ASP A 809 10.96 -15.90 -3.22
CA ASP A 809 9.99 -16.08 -2.12
C ASP A 809 10.86 -16.35 -0.87
N PHE A 810 10.76 -15.46 0.12
CA PHE A 810 11.64 -15.49 1.30
C PHE A 810 10.91 -16.17 2.47
N TYR A 811 11.65 -16.37 3.55
CA TYR A 811 11.12 -16.98 4.78
C TYR A 811 10.45 -18.34 4.57
N ARG A 812 11.09 -19.21 3.78
CA ARG A 812 10.49 -20.50 3.42
C ARG A 812 10.57 -21.53 4.58
N LYS A 813 11.52 -21.34 5.48
CA LYS A 813 11.80 -22.31 6.58
C LYS A 813 11.95 -21.56 7.87
N THR A 814 10.83 -21.28 8.53
CA THR A 814 10.85 -20.68 9.87
C THR A 814 10.04 -21.58 10.77
N SER A 815 9.98 -21.26 12.05
CA SER A 815 9.10 -22.03 12.95
C SER A 815 7.71 -21.36 13.04
N ARG A 816 7.49 -20.31 12.25
CA ARG A 816 6.26 -19.52 12.31
C ARG A 816 5.14 -19.98 11.37
N SER A 817 3.89 -19.73 11.75
CA SER A 817 2.76 -20.07 10.87
C SER A 817 2.83 -19.26 9.56
N TYR A 818 2.26 -19.77 8.49
CA TYR A 818 2.45 -19.14 7.19
C TYR A 818 1.71 -17.80 7.12
N SER A 819 0.53 -17.74 7.71
CA SER A 819 -0.19 -16.49 7.79
C SER A 819 0.58 -15.41 8.51
N GLU A 820 1.27 -15.77 9.59
CA GLU A 820 2.11 -14.80 10.31
C GLU A 820 3.25 -14.30 9.43
N ILE A 821 3.80 -15.20 8.64
CA ILE A 821 4.91 -14.86 7.73
C ILE A 821 4.34 -13.95 6.64
N LEU A 822 3.13 -14.21 6.20
CA LEU A 822 2.54 -13.30 5.16
C LEU A 822 2.36 -11.89 5.68
N THR A 823 1.91 -11.78 6.93
CA THR A 823 1.84 -10.49 7.60
C THR A 823 3.22 -9.83 7.71
N LEU A 824 4.23 -10.60 8.09
CA LEU A 824 5.61 -10.04 8.16
C LEU A 824 6.06 -9.50 6.78
N LYS A 825 5.75 -10.26 5.70
CA LYS A 825 6.13 -9.85 4.34
C LYS A 825 5.40 -8.58 3.87
N THR A 826 4.20 -8.31 4.42
CA THR A 826 3.51 -7.06 4.08
C THR A 826 3.94 -5.87 4.98
N TYR A 827 4.67 -6.13 6.05
CA TYR A 827 5.10 -5.05 6.96
C TYR A 827 5.91 -3.95 6.26
N LEU A 828 5.60 -2.72 6.61
CA LEU A 828 6.41 -1.61 6.09
C LEU A 828 6.95 -0.81 7.28
N HIS A 829 8.27 -0.68 7.39
CA HIS A 829 8.84 0.21 8.46
C HIS A 829 8.76 1.66 7.98
N THR A 830 7.94 2.50 8.62
CA THR A 830 7.70 3.85 8.01
C THR A 830 8.54 5.03 8.50
N TYR A 831 9.14 4.88 9.69
CA TYR A 831 10.03 5.94 10.30
C TYR A 831 9.30 7.24 10.64
N GLU A 832 7.99 7.18 10.73
CA GLU A 832 7.24 8.31 11.21
C GLU A 832 7.33 8.25 12.73
N SER A 833 7.26 9.40 13.40
CA SER A 833 7.18 9.34 14.86
C SER A 833 5.83 8.73 15.33
N GLU A 834 5.58 8.77 16.65
CA GLU A 834 4.33 8.23 17.22
C GLU A 834 3.10 9.02 16.75
C1 NAG B . -1.20 -5.77 -8.94
C2 NAG B . 0.10 -6.16 -9.62
C3 NAG B . -0.13 -6.15 -11.16
C4 NAG B . -1.34 -6.97 -11.55
C5 NAG B . -2.57 -6.68 -10.66
C6 NAG B . -3.71 -7.67 -10.97
C7 NAG B . 2.27 -5.69 -8.58
C8 NAG B . 3.36 -4.68 -8.31
N2 NAG B . 1.20 -5.27 -9.27
O3 NAG B . 1.03 -6.70 -11.77
O4 NAG B . -1.69 -6.60 -12.88
O5 NAG B . -2.20 -6.76 -9.29
O6 NAG B . -3.27 -9.02 -10.79
O7 NAG B . 2.39 -6.85 -8.14
C1 NAG B . -1.81 -7.66 -13.83
C2 NAG B . -2.73 -7.09 -14.92
C3 NAG B . -2.77 -8.09 -16.09
C4 NAG B . -1.34 -8.46 -16.57
C5 NAG B . -0.37 -8.84 -15.44
C6 NAG B . 1.11 -8.79 -15.92
C7 NAG B . -4.52 -5.58 -13.96
C8 NAG B . -5.96 -5.51 -13.44
N2 NAG B . -4.08 -6.77 -14.41
O3 NAG B . -3.55 -7.54 -17.13
O4 NAG B . -1.38 -9.55 -17.48
O5 NAG B . -0.51 -7.99 -14.30
O6 NAG B . 1.58 -7.44 -16.14
O7 NAG B . -3.86 -4.53 -13.91
C1 BMA B . -1.47 -9.07 -18.86
C2 BMA B . -0.65 -9.98 -19.77
C3 BMA B . -0.93 -9.74 -21.27
C4 BMA B . -2.44 -9.71 -21.55
C5 BMA B . -3.11 -8.68 -20.64
C6 BMA B . -4.62 -8.58 -20.86
O2 BMA B . -0.93 -11.31 -19.40
O3 BMA B . -0.19 -10.63 -22.13
O4 BMA B . -2.74 -9.34 -22.87
O5 BMA B . -2.85 -9.00 -19.27
O6 BMA B . -5.03 -7.47 -20.07
C1 MAN B . -6.44 -7.18 -20.16
C2 MAN B . -6.68 -5.74 -19.65
C3 MAN B . -6.66 -5.73 -18.11
C4 MAN B . -7.67 -6.75 -17.57
C5 MAN B . -7.37 -8.17 -18.10
C6 MAN B . -8.37 -9.25 -17.63
O2 MAN B . -7.87 -5.16 -20.16
O3 MAN B . -6.90 -4.46 -17.49
O4 MAN B . -7.70 -6.70 -16.16
O5 MAN B . -7.28 -8.15 -19.53
O6 MAN B . -9.73 -8.80 -17.53
C1 MAN B . -5.84 -3.49 -17.72
C2 MAN B . -5.72 -2.51 -16.54
C3 MAN B . -7.01 -1.65 -16.45
C4 MAN B . -7.43 -1.04 -17.80
C5 MAN B . -7.15 -1.94 -19.03
C6 MAN B . -7.03 -1.09 -20.28
O2 MAN B . -4.61 -1.66 -16.78
O3 MAN B . -6.88 -0.54 -15.55
O4 MAN B . -8.79 -0.64 -17.70
O5 MAN B . -5.97 -2.72 -18.93
O6 MAN B . -6.77 -1.97 -21.35
C1 MAN B . -3.39 -1.98 -16.03
C2 MAN B . -2.53 -0.70 -16.05
C3 MAN B . -1.91 -0.48 -17.44
C4 MAN B . -1.25 -1.76 -18.01
C5 MAN B . -2.21 -2.99 -17.91
C6 MAN B . -1.60 -4.29 -18.47
O2 MAN B . -1.45 -0.75 -15.13
O3 MAN B . -0.97 0.56 -17.31
O4 MAN B . -0.81 -1.53 -19.34
O5 MAN B . -2.71 -3.14 -16.56
O6 MAN B . -2.62 -5.23 -18.77
C1 MAN B . 0.76 -9.90 -22.97
C2 MAN B . 1.09 -10.57 -24.33
C3 MAN B . 1.84 -11.88 -24.11
C4 MAN B . 3.02 -11.72 -23.15
C5 MAN B . 2.76 -10.77 -21.96
C6 MAN B . 4.06 -10.37 -21.27
O2 MAN B . 1.96 -9.74 -25.09
O3 MAN B . 2.35 -12.36 -25.34
O4 MAN B . 3.36 -12.99 -22.65
O5 MAN B . 2.00 -9.61 -22.33
O6 MAN B . 4.39 -9.02 -21.55
C1 MAN B . 1.37 -9.13 -26.27
C2 MAN B . 2.35 -9.18 -27.46
C3 MAN B . 3.54 -8.22 -27.23
C4 MAN B . 3.04 -6.81 -26.83
C5 MAN B . 2.01 -6.90 -25.68
C6 MAN B . 1.43 -5.54 -25.25
O2 MAN B . 1.66 -8.90 -28.67
O3 MAN B . 4.47 -8.15 -28.33
O4 MAN B . 4.14 -6.00 -26.47
O5 MAN B . 0.95 -7.80 -26.03
O6 MAN B . 0.68 -4.95 -26.31
C10 YB1 C . -16.08 5.17 -6.45
C11 YB1 C . -14.80 4.34 -6.39
C15 YB1 C . -16.46 1.43 -1.31
C16 YB1 C . -15.70 2.10 -0.17
C17 YB1 C . -15.54 1.08 1.03
C19 YB1 C . -15.66 -0.77 -0.48
C20 YB1 C . -15.65 0.19 -1.71
C21 YB1 C . -19.91 10.13 -3.49
C22 YB1 C . -18.89 11.27 -3.40
C23 YB1 C . -17.68 10.75 -4.21
C24 YB1 C . -17.56 9.30 -3.74
C25 YB1 C . -16.67 11.84 -3.88
C27 YB1 C . -19.00 12.68 -4.04
C28 YB1 C . -17.02 14.33 -3.92
N1 YB1 C . -18.97 8.92 -3.61
C2 YB1 C . -19.40 7.65 -3.57
O3 YB1 C . -20.61 7.41 -3.45
C4 YB1 C . -18.41 6.52 -3.71
C5 YB1 C . -18.28 5.49 -2.77
C6 YB1 C . -17.43 4.44 -3.14
N7 YB1 C . -16.77 4.33 -4.30
C8 YB1 C . -16.89 5.35 -5.20
C9 YB1 C . -17.70 6.47 -4.96
C12 YB1 C . -16.04 3.77 -7.08
O13 YB1 C . -17.26 3.49 -2.22
C14 YB1 C . -16.44 2.36 -2.55
O18 YB1 C . -14.93 -0.14 0.59
N26 YB1 C . -17.54 13.03 -3.96
O29 YB1 C . -17.80 15.29 -4.06
C30 YB1 C . -15.50 14.48 -3.71
C31 YB1 C . -15.23 15.64 -2.71
C32 YB1 C . -13.79 15.62 -2.18
C33 YB1 C . -13.24 15.00 -1.04
N34 YB1 C . -11.87 15.42 -0.93
N35 YB1 C . -11.57 16.18 -1.88
N36 YB1 C . -12.69 16.36 -2.70
ZN ZN D . -11.03 15.71 0.64
NA NA E . 22.62 16.12 -4.30
CA CA F . 9.61 -5.01 -14.79
K K G . 34.59 2.26 -14.60
CA CA H . -11.75 11.32 0.35
CL CL I . -5.07 14.26 -8.43
C ACT J . 6.46 14.33 3.57
O ACT J . 7.19 13.45 4.14
OXT ACT J . 6.16 15.42 4.15
CH3 ACT J . 5.92 14.12 2.18
#